data_4RIA
#
_entry.id   4RIA
#
_cell.length_a   87.813
_cell.length_b   100.317
_cell.length_c   212.465
_cell.angle_alpha   90.00
_cell.angle_beta   90.00
_cell.angle_gamma   90.00
#
_symmetry.space_group_name_H-M   'P 2 21 21'
#
loop_
_entity.id
_entity.type
_entity.pdbx_description
1 polymer 'Fanconi-associated nuclease 1'
2 polymer "DNA (5'-D(P*AP*GP*CP*CP*AP*CP*GP*CP*CP*T)-3')"
3 polymer "DNA (5'-D(P*AP*GP*AP*CP*TP*CP*CP*TP*C)-3')"
4 polymer "DNA (5'-D(*TP*TP*TP*TP*TP*TP*G*AP*GP*GP*CP*GP*TP*G)-3')"
5 polymer "DNA (5'-D(P*GP*CP*TP*GP*AP*GP*GP*AP*GP*TP*CP*T)-3')"
6 non-polymer 'BARIUM ION'
#
loop_
_entity_poly.entity_id
_entity_poly.type
_entity_poly.pdbx_seq_one_letter_code
_entity_poly.pdbx_strand_id
1 'polypeptide(L)'
;GAHMTRNGPGQTTGHPYYLRSFLVVLKTVLENEDDMLLFDEQEKGIVTKFYQLSATGQKLYVRLFQRKLSWIKMTKLEYE
EIALDLTPVIEELTNAGFLQTESELQELSEVLELLSAPELKSLAKTFHLANPNGQKQQLVDAFLKLAKQRSVIGAVILKR
AKALAGQSVRICKGPRAVFSRILLLFSLTDSMEDEDAACGGQGQLSTVLLVNLGRMEFPSYTINRKTHIFQDRDDLIRYA
AATHMLSDISSAMANGNWEEAKELAQCAKRDWNRLKNHPSLRCHEDLPLFLRCFTVGWIYTRILSRFVEILQRLHMYEEA
VRELESLLSQRIYCPDSRGRWWDRLALNLHQHLKRLEPTIKCITEGLADPEVRTGHRLSLYQRAVRLRESPSCKKFKHLF
QQLPEMAVQDVKHVTITGRLCPQRGMCKSVFVMEAGEAADPTTVLCSVEELALAHYRRSGFDQGIHGEGSTFSTLYGLLL
WDIIFMDGIPDVFRNACQAFPLDLCTDSFFTSRRPALEARLQLIHDAPEESLRAWVAATWHEQEGRVASLVSWDRFTSLQ
QAQDLVSCLGGPVLSGVCRHLAADFRHCRGGLPDLVVWNSQSRHFKLVEVKGPNDRLSHKQMIWLAELQKLGAEVEVCHV
VAVGAKSQSLS
;
A,B
2 'polydeoxyribonucleotide' (DA)(DG)(DC)(DC)(DA)(DC)(DG)(DC)(DC)(DT) F,L
3 'polydeoxyribonucleotide' (DA)(DG)(DA)(DC)(DT)(DC)(DC)(DT)(DC) K,I
4 'polydeoxyribonucleotide' (DT)(DT)(DT)(DT)(DT)(DT)(DG)(DA)(DG)(DG)(DC)(DG)(DT)(DG) G,J
5 'polydeoxyribonucleotide' (DG)(DC)(DT)(DG)(DA)(DG)(DG)(DA)(DG)(DT)(DC)(DT) E,H
#
# COMPACT_ATOMS: atom_id res chain seq x y z
N THR A 13 7.17 -3.44 19.20
CA THR A 13 6.05 -2.80 19.97
C THR A 13 6.14 -1.27 19.98
N GLY A 14 7.20 -0.72 19.37
CA GLY A 14 7.46 0.72 19.36
C GLY A 14 6.43 1.57 18.60
N HIS A 15 6.32 2.83 19.01
CA HIS A 15 5.44 3.77 18.33
C HIS A 15 5.89 4.06 16.90
N PRO A 16 4.94 4.38 16.00
CA PRO A 16 5.38 4.78 14.66
C PRO A 16 6.21 6.06 14.75
N TYR A 17 7.04 6.31 13.73
CA TYR A 17 8.03 7.37 13.80
C TYR A 17 7.44 8.73 14.20
N TYR A 18 6.34 9.11 13.56
CA TYR A 18 5.76 10.43 13.74
C TYR A 18 5.30 10.68 15.16
N LEU A 19 4.96 9.60 15.85
CA LEU A 19 4.55 9.71 17.22
C LEU A 19 5.77 9.89 18.10
N ARG A 20 6.74 8.97 17.99
CA ARG A 20 7.91 9.06 18.87
C ARG A 20 8.43 10.48 18.85
N SER A 21 8.64 10.99 17.62
CA SER A 21 9.17 12.31 17.42
C SER A 21 8.37 13.36 18.14
N PHE A 22 7.07 13.34 17.92
CA PHE A 22 6.18 14.29 18.57
C PHE A 22 6.37 14.25 20.09
N LEU A 23 6.38 13.04 20.66
CA LEU A 23 6.56 12.91 22.09
C LEU A 23 7.90 13.43 22.57
N VAL A 24 8.97 13.13 21.84
CA VAL A 24 10.28 13.65 22.19
C VAL A 24 10.20 15.18 22.28
N VAL A 25 9.60 15.81 21.28
CA VAL A 25 9.43 17.27 21.29
C VAL A 25 8.71 17.70 22.56
N LEU A 26 7.61 17.03 22.89
CA LEU A 26 6.85 17.40 24.05
C LEU A 26 7.73 17.38 25.30
N LYS A 27 8.38 16.24 25.52
CA LYS A 27 9.20 16.05 26.70
C LYS A 27 10.31 17.10 26.81
N THR A 28 10.97 17.36 25.69
CA THR A 28 12.18 18.13 25.67
C THR A 28 11.84 19.50 26.14
N VAL A 29 10.71 20.00 25.65
CA VAL A 29 10.33 21.36 25.95
C VAL A 29 9.79 21.46 27.38
N LEU A 30 8.88 20.58 27.75
CA LEU A 30 8.17 20.76 29.02
C LEU A 30 8.99 20.54 30.30
N GLU A 31 10.06 19.74 30.21
CA GLU A 31 10.91 19.49 31.39
C GLU A 31 11.76 20.71 31.75
N ASN A 32 11.50 21.85 31.12
CA ASN A 32 12.08 23.11 31.54
C ASN A 32 11.05 23.96 32.24
N GLU A 33 11.29 24.23 33.53
CA GLU A 33 10.44 25.09 34.34
C GLU A 33 10.30 26.48 33.73
N ASP A 34 11.42 27.06 33.29
CA ASP A 34 11.42 28.33 32.56
C ASP A 34 10.30 28.32 31.53
N ASP A 35 10.36 27.33 30.64
CA ASP A 35 9.50 27.28 29.47
C ASP A 35 8.06 27.07 29.83
N MET A 36 7.81 26.34 30.92
CA MET A 36 6.42 26.10 31.36
C MET A 36 5.69 27.34 31.80
N LEU A 37 6.43 28.31 32.32
CA LEU A 37 5.92 29.64 32.67
C LEU A 37 5.30 30.39 31.49
N LEU A 38 5.44 29.84 30.29
CA LEU A 38 5.01 30.53 29.07
C LEU A 38 3.72 29.91 28.54
N PHE A 39 3.10 29.09 29.37
CA PHE A 39 1.85 28.43 29.06
C PHE A 39 0.94 28.55 30.29
N ASP A 40 -0.32 28.93 30.07
CA ASP A 40 -1.22 29.08 31.21
C ASP A 40 -1.86 27.77 31.61
N GLU A 41 -2.56 27.83 32.75
CA GLU A 41 -3.47 26.79 33.24
C GLU A 41 -4.10 26.04 32.10
N GLN A 42 -4.98 26.75 31.40
CA GLN A 42 -5.81 26.19 30.37
C GLN A 42 -4.98 25.34 29.42
N GLU A 43 -3.87 25.91 28.94
CA GLU A 43 -2.96 25.31 27.95
C GLU A 43 -2.31 24.00 28.40
N LYS A 44 -1.60 24.04 29.54
CA LYS A 44 -1.10 22.81 30.16
C LYS A 44 -2.20 21.75 30.29
N GLY A 45 -3.41 22.17 30.60
CA GLY A 45 -4.53 21.24 30.70
C GLY A 45 -4.61 20.37 29.47
N ILE A 46 -4.54 21.03 28.32
CA ILE A 46 -4.61 20.36 27.04
C ILE A 46 -3.45 19.37 26.85
N VAL A 47 -2.27 19.75 27.31
CA VAL A 47 -1.12 18.88 27.14
C VAL A 47 -1.34 17.57 27.88
N THR A 48 -1.85 17.68 29.12
CA THR A 48 -2.18 16.50 29.93
C THR A 48 -3.20 15.66 29.20
N LYS A 49 -4.25 16.32 28.69
CA LYS A 49 -5.29 15.66 27.94
C LYS A 49 -4.70 14.77 26.86
N PHE A 50 -3.69 15.28 26.16
CA PHE A 50 -3.03 14.51 25.08
C PHE A 50 -2.45 13.20 25.60
N TYR A 51 -1.76 13.29 26.73
CA TYR A 51 -1.15 12.13 27.34
C TYR A 51 -2.18 11.13 27.78
N GLN A 52 -3.38 11.62 28.03
CA GLN A 52 -4.45 10.74 28.46
C GLN A 52 -5.07 9.96 27.32
N LEU A 53 -4.93 10.47 26.09
CA LEU A 53 -5.44 9.77 24.93
C LEU A 53 -4.81 8.37 24.85
N SER A 54 -5.54 7.45 24.24
CA SER A 54 -4.98 6.15 23.92
C SER A 54 -3.90 6.32 22.85
N ALA A 55 -3.09 5.27 22.65
CA ALA A 55 -2.06 5.28 21.62
C ALA A 55 -2.71 5.60 20.29
N THR A 56 -3.71 4.80 19.95
CA THR A 56 -4.45 5.01 18.72
C THR A 56 -5.03 6.42 18.59
N GLY A 57 -5.46 7.01 19.71
CA GLY A 57 -5.94 8.39 19.71
C GLY A 57 -4.82 9.37 19.42
N GLN A 58 -3.62 9.02 19.90
CA GLN A 58 -2.46 9.87 19.69
C GLN A 58 -1.93 9.77 18.27
N LYS A 59 -1.64 8.55 17.81
CA LYS A 59 -1.16 8.36 16.42
C LYS A 59 -2.01 9.19 15.45
N LEU A 60 -3.34 9.04 15.56
CA LEU A 60 -4.20 9.77 14.70
C LEU A 60 -4.10 11.29 14.91
N TYR A 61 -4.25 11.79 16.14
CA TYR A 61 -4.12 13.24 16.32
C TYR A 61 -2.89 13.79 15.64
N VAL A 62 -1.76 13.11 15.78
CA VAL A 62 -0.51 13.60 15.20
C VAL A 62 -0.59 13.62 13.68
N ARG A 63 -1.14 12.54 13.08
CA ARG A 63 -1.33 12.46 11.61
C ARG A 63 -2.05 13.69 11.09
N LEU A 64 -3.17 13.99 11.70
CA LEU A 64 -3.99 15.09 11.25
C LEU A 64 -3.41 16.44 11.60
N PHE A 65 -2.59 16.48 12.66
CA PHE A 65 -1.84 17.69 13.03
C PHE A 65 -0.76 17.94 11.98
N GLN A 66 -0.16 16.86 11.49
CA GLN A 66 0.88 16.93 10.47
C GLN A 66 0.34 17.25 9.09
N ARG A 67 -0.98 17.21 8.91
CA ARG A 67 -1.61 17.53 7.63
C ARG A 67 -2.00 19.00 7.64
N LYS A 68 -2.51 19.49 6.51
CA LYS A 68 -2.95 20.87 6.41
C LYS A 68 -4.19 21.12 7.27
N LEU A 69 -4.31 22.34 7.76
CA LEU A 69 -5.43 22.70 8.61
C LEU A 69 -6.66 23.10 7.83
N SER A 70 -7.58 22.16 7.70
CA SER A 70 -8.95 22.46 7.28
C SER A 70 -9.79 21.19 7.33
N TRP A 71 -11.03 21.29 6.86
CA TRP A 71 -11.92 20.14 6.90
C TRP A 71 -11.43 19.02 5.98
N ILE A 72 -11.86 17.80 6.27
CA ILE A 72 -11.45 16.64 5.51
C ILE A 72 -12.61 15.66 5.47
N LYS A 73 -12.93 15.14 4.28
CA LYS A 73 -13.93 14.09 4.14
C LYS A 73 -13.48 12.83 4.86
N MET A 74 -14.35 12.28 5.69
CA MET A 74 -14.07 11.06 6.45
C MET A 74 -13.77 9.89 5.52
N THR A 75 -14.08 10.08 4.24
CA THR A 75 -13.79 9.08 3.21
C THR A 75 -12.34 9.11 2.77
N LYS A 76 -11.69 10.25 2.95
CA LYS A 76 -10.28 10.44 2.60
C LYS A 76 -9.33 10.17 3.78
N LEU A 77 -9.79 9.40 4.78
CA LEU A 77 -8.98 9.14 5.96
C LEU A 77 -8.64 7.67 6.10
N GLU A 78 -7.48 7.27 5.60
CA GLU A 78 -7.06 5.89 5.76
C GLU A 78 -5.69 5.78 6.43
N TYR A 79 -5.64 5.07 7.54
CA TYR A 79 -4.41 4.74 8.22
C TYR A 79 -4.57 3.37 8.83
N GLU A 80 -4.31 2.35 8.03
CA GLU A 80 -4.43 0.97 8.48
C GLU A 80 -3.55 0.65 9.69
N GLU A 81 -2.34 1.20 9.72
CA GLU A 81 -1.41 0.96 10.83
C GLU A 81 -2.00 1.42 12.16
N ILE A 82 -2.70 2.55 12.13
CA ILE A 82 -3.42 3.09 13.29
C ILE A 82 -4.57 2.14 13.66
N ALA A 83 -5.60 2.09 12.81
CA ALA A 83 -6.81 1.32 13.09
C ALA A 83 -7.57 1.10 11.79
N LEU A 84 -8.21 -0.06 11.68
CA LEU A 84 -8.86 -0.48 10.43
C LEU A 84 -10.13 0.31 10.10
N ASP A 85 -10.89 0.67 11.14
CA ASP A 85 -11.97 1.65 11.04
C ASP A 85 -11.80 2.69 12.14
N LEU A 86 -11.78 3.96 11.75
CA LEU A 86 -11.32 5.01 12.66
C LEU A 86 -12.42 5.65 13.52
N THR A 87 -13.68 5.25 13.31
CA THR A 87 -14.80 5.91 13.97
C THR A 87 -14.60 6.08 15.49
N PRO A 88 -14.28 4.96 16.20
CA PRO A 88 -14.02 5.08 17.65
C PRO A 88 -12.98 6.15 17.94
N VAL A 89 -11.81 6.02 17.30
CA VAL A 89 -10.68 6.95 17.45
C VAL A 89 -11.05 8.41 17.22
N ILE A 90 -11.81 8.67 16.16
CA ILE A 90 -12.30 10.01 15.93
C ILE A 90 -13.20 10.46 17.07
N GLU A 91 -14.11 9.59 17.51
CA GLU A 91 -15.02 9.94 18.60
C GLU A 91 -14.25 10.43 19.83
N GLU A 92 -13.24 9.64 20.21
CA GLU A 92 -12.33 9.97 21.32
C GLU A 92 -11.72 11.38 21.19
N LEU A 93 -11.14 11.66 20.02
CA LEU A 93 -10.48 12.93 19.79
C LEU A 93 -11.47 14.08 19.85
N THR A 94 -12.72 13.77 19.48
CA THR A 94 -13.84 14.71 19.53
C THR A 94 -14.29 14.95 20.95
N ASN A 95 -14.27 13.88 21.76
CA ASN A 95 -14.59 13.99 23.17
C ASN A 95 -13.59 14.85 23.92
N ALA A 96 -12.32 14.71 23.52
CA ALA A 96 -11.22 15.45 24.13
C ALA A 96 -11.14 16.93 23.69
N GLY A 97 -11.81 17.27 22.60
CA GLY A 97 -11.79 18.64 22.13
C GLY A 97 -10.58 18.88 21.25
N PHE A 98 -10.05 17.79 20.69
CA PHE A 98 -8.94 17.83 19.76
C PHE A 98 -9.43 17.93 18.31
N LEU A 99 -10.61 17.35 18.08
CA LEU A 99 -11.22 17.22 16.78
C LEU A 99 -12.68 17.70 16.87
N GLN A 100 -13.16 18.32 15.80
CA GLN A 100 -14.57 18.68 15.67
C GLN A 100 -15.17 18.03 14.44
N THR A 101 -16.45 17.65 14.55
CA THR A 101 -17.18 17.01 13.44
C THR A 101 -17.98 18.04 12.63
N GLU A 102 -18.63 17.55 11.56
CA GLU A 102 -19.41 18.35 10.62
C GLU A 102 -20.45 19.27 11.26
N SER A 103 -21.04 18.85 12.37
CA SER A 103 -22.07 19.64 13.07
C SER A 103 -21.62 21.06 13.53
N GLU A 104 -20.32 21.30 13.54
CA GLU A 104 -19.81 22.61 13.90
C GLU A 104 -19.36 23.38 12.65
N LEU A 105 -19.58 22.77 11.50
CA LEU A 105 -19.32 23.38 10.21
C LEU A 105 -20.44 24.36 9.84
N GLN A 106 -20.19 25.65 10.05
CA GLN A 106 -21.21 26.69 9.89
C GLN A 106 -20.89 27.70 8.78
N GLU A 107 -19.65 28.18 8.75
CA GLU A 107 -19.18 29.13 7.71
C GLU A 107 -19.23 28.51 6.29
N LEU A 108 -19.74 29.27 5.33
CA LEU A 108 -20.09 28.70 4.03
C LEU A 108 -18.87 28.35 3.18
N SER A 109 -17.97 29.33 3.03
CA SER A 109 -16.77 29.15 2.20
C SER A 109 -16.02 27.86 2.55
N GLU A 110 -16.19 27.44 3.80
CA GLU A 110 -15.58 26.21 4.30
C GLU A 110 -16.29 24.97 3.74
N VAL A 111 -17.61 25.00 3.71
CA VAL A 111 -18.40 23.86 3.24
C VAL A 111 -18.07 23.63 1.78
N LEU A 112 -18.05 24.71 1.03
CA LEU A 112 -17.80 24.69 -0.40
C LEU A 112 -16.39 24.19 -0.67
N GLU A 113 -15.41 24.89 -0.09
CA GLU A 113 -14.01 24.54 -0.26
C GLU A 113 -13.79 23.04 -0.06
N LEU A 114 -14.43 22.48 0.96
CA LEU A 114 -14.36 21.04 1.24
C LEU A 114 -14.79 20.20 0.03
N LEU A 115 -15.84 20.64 -0.65
CA LEU A 115 -16.40 19.93 -1.80
C LEU A 115 -15.51 20.03 -3.03
N SER A 116 -15.49 18.97 -3.84
CA SER A 116 -14.70 18.95 -5.08
C SER A 116 -15.45 19.63 -6.22
N ALA A 117 -14.77 19.82 -7.35
CA ALA A 117 -15.38 20.41 -8.54
C ALA A 117 -16.51 19.57 -9.15
N PRO A 118 -16.35 18.22 -9.27
CA PRO A 118 -17.49 17.38 -9.68
C PRO A 118 -18.69 17.51 -8.74
N GLU A 119 -18.43 17.67 -7.44
CA GLU A 119 -19.45 17.93 -6.44
C GLU A 119 -20.03 19.34 -6.56
N LEU A 120 -19.17 20.30 -6.91
CA LEU A 120 -19.62 21.68 -7.14
C LEU A 120 -20.53 21.81 -8.36
N LYS A 121 -20.28 21.00 -9.38
CA LYS A 121 -21.10 20.96 -10.60
C LYS A 121 -22.48 20.41 -10.31
N SER A 122 -22.55 19.28 -9.59
CA SER A 122 -23.82 18.69 -9.17
C SER A 122 -24.64 19.69 -8.35
N LEU A 123 -23.94 20.60 -7.67
CA LEU A 123 -24.58 21.64 -6.86
C LEU A 123 -24.80 22.94 -7.64
N ALA A 124 -24.14 23.06 -8.79
CA ALA A 124 -24.39 24.15 -9.72
C ALA A 124 -25.58 23.84 -10.64
N LYS A 125 -26.03 22.58 -10.62
CA LYS A 125 -27.09 22.08 -11.48
C LYS A 125 -28.46 22.01 -10.79
N THR A 126 -28.52 21.38 -9.62
CA THR A 126 -29.77 21.32 -8.84
C THR A 126 -30.25 22.71 -8.40
N PHE A 127 -29.32 23.67 -8.32
CA PHE A 127 -29.66 25.07 -8.12
C PHE A 127 -29.72 25.79 -9.47
N HIS A 128 -30.91 26.29 -9.79
CA HIS A 128 -31.23 26.78 -11.14
C HIS A 128 -30.54 28.09 -11.51
N LEU A 129 -30.48 29.02 -10.55
CA LEU A 129 -29.86 30.34 -10.74
C LEU A 129 -28.33 30.27 -10.92
N ALA A 130 -27.83 29.05 -11.16
CA ALA A 130 -26.39 28.82 -11.23
C ALA A 130 -25.96 28.19 -12.55
N ASN A 131 -24.91 28.77 -13.14
CA ASN A 131 -24.23 28.23 -14.32
C ASN A 131 -23.41 26.95 -14.01
N PRO A 132 -23.83 25.78 -14.57
CA PRO A 132 -23.22 24.47 -14.26
C PRO A 132 -21.74 24.26 -14.62
N ASN A 133 -21.23 25.01 -15.59
CA ASN A 133 -19.87 24.79 -16.09
C ASN A 133 -18.89 25.92 -15.75
N GLY A 134 -17.62 25.54 -15.55
CA GLY A 134 -16.57 26.49 -15.15
C GLY A 134 -15.62 25.88 -14.14
N GLN A 135 -14.61 26.66 -13.74
CA GLN A 135 -13.61 26.21 -12.76
C GLN A 135 -14.18 26.15 -11.34
N LYS A 136 -13.58 25.32 -10.49
CA LYS A 136 -13.96 25.24 -9.07
C LYS A 136 -13.97 26.62 -8.40
N GLN A 137 -12.91 27.40 -8.62
CA GLN A 137 -12.81 28.75 -8.07
C GLN A 137 -13.99 29.63 -8.50
N GLN A 138 -14.37 29.52 -9.77
CA GLN A 138 -15.50 30.28 -10.32
C GLN A 138 -16.79 29.99 -9.56
N LEU A 139 -17.19 28.71 -9.57
CA LEU A 139 -18.39 28.25 -8.87
C LEU A 139 -18.40 28.66 -7.39
N VAL A 140 -17.21 28.91 -6.82
CA VAL A 140 -17.07 29.33 -5.41
C VAL A 140 -17.53 30.78 -5.20
N ASP A 141 -16.89 31.70 -5.93
CA ASP A 141 -17.20 33.12 -5.82
C ASP A 141 -18.63 33.43 -6.24
N ALA A 142 -19.20 32.56 -7.08
CA ALA A 142 -20.59 32.64 -7.51
C ALA A 142 -21.56 32.27 -6.39
N PHE A 143 -21.43 31.05 -5.85
CA PHE A 143 -22.25 30.60 -4.73
C PHE A 143 -22.14 31.49 -3.50
N LEU A 144 -20.99 32.17 -3.36
CA LEU A 144 -20.72 33.12 -2.27
C LEU A 144 -21.47 34.44 -2.43
N LYS A 145 -21.41 34.99 -3.64
CA LYS A 145 -22.12 36.22 -3.97
C LYS A 145 -23.64 35.99 -3.93
N LEU A 146 -24.06 34.78 -4.29
CA LEU A 146 -25.48 34.36 -4.30
C LEU A 146 -26.12 34.35 -2.91
N ALA A 147 -25.34 33.95 -1.91
CA ALA A 147 -25.83 33.84 -0.54
C ALA A 147 -25.73 35.17 0.23
N LYS A 148 -24.86 36.07 -0.23
CA LYS A 148 -24.62 37.35 0.46
C LYS A 148 -25.74 38.38 0.28
N GLN A 149 -26.60 38.17 -0.72
CA GLN A 149 -27.75 39.05 -1.00
C GLN A 149 -29.10 38.47 -0.52
N ARG A 150 -29.49 37.32 -1.09
CA ARG A 150 -30.68 36.58 -0.65
C ARG A 150 -30.24 35.51 0.35
N SER A 151 -30.02 35.93 1.59
CA SER A 151 -29.45 35.07 2.64
C SER A 151 -30.25 33.77 2.87
N VAL A 152 -31.57 33.89 2.82
CA VAL A 152 -32.48 32.78 3.18
C VAL A 152 -32.35 31.56 2.25
N ILE A 153 -32.14 31.81 0.95
CA ILE A 153 -31.94 30.74 -0.02
C ILE A 153 -30.51 30.17 0.09
N GLY A 154 -29.57 31.01 0.54
CA GLY A 154 -28.20 30.60 0.82
C GLY A 154 -28.11 29.59 1.96
N ALA A 155 -29.07 29.65 2.87
CA ALA A 155 -29.14 28.75 4.03
C ALA A 155 -29.43 27.30 3.63
N VAL A 156 -30.16 27.12 2.52
CA VAL A 156 -30.51 25.78 2.04
C VAL A 156 -29.44 25.24 1.06
N ILE A 157 -28.59 26.15 0.56
CA ILE A 157 -27.39 25.77 -0.19
C ILE A 157 -26.45 25.04 0.76
N LEU A 158 -25.96 25.79 1.75
CA LEU A 158 -25.18 25.28 2.87
C LEU A 158 -25.74 23.96 3.41
N LYS A 159 -27.06 23.87 3.43
CA LYS A 159 -27.78 22.69 3.88
C LYS A 159 -27.41 21.44 3.07
N ARG A 160 -27.56 21.51 1.75
CA ARG A 160 -27.26 20.37 0.88
C ARG A 160 -25.77 20.19 0.68
N ALA A 161 -25.05 21.31 0.64
CA ALA A 161 -23.59 21.30 0.49
C ALA A 161 -22.97 20.43 1.58
N LYS A 162 -23.39 20.66 2.81
CA LYS A 162 -22.99 19.83 3.95
C LYS A 162 -23.42 18.38 3.75
N ALA A 163 -24.71 18.16 3.51
CA ALA A 163 -25.28 16.82 3.37
C ALA A 163 -24.61 16.00 2.24
N LEU A 164 -24.28 16.69 1.16
CA LEU A 164 -23.62 16.07 0.02
C LEU A 164 -22.23 15.59 0.42
N ALA A 165 -21.40 16.54 0.86
CA ALA A 165 -20.00 16.30 1.26
C ALA A 165 -19.82 15.06 2.15
N GLY A 166 -20.78 14.82 3.03
CA GLY A 166 -20.74 13.69 3.95
C GLY A 166 -20.10 14.09 5.25
N GLN A 167 -19.62 13.10 5.98
CA GLN A 167 -18.97 13.30 7.29
C GLN A 167 -17.58 13.93 7.18
N SER A 168 -17.32 14.91 8.05
CA SER A 168 -16.08 15.65 7.99
C SER A 168 -15.52 16.04 9.33
N VAL A 169 -14.19 16.06 9.40
CA VAL A 169 -13.48 16.36 10.62
C VAL A 169 -12.53 17.52 10.42
N ARG A 170 -12.18 18.18 11.53
CA ARG A 170 -11.18 19.24 11.52
C ARG A 170 -10.37 19.22 12.80
N ILE A 171 -9.07 19.51 12.71
CA ILE A 171 -8.27 19.69 13.91
C ILE A 171 -8.81 20.92 14.64
N CYS A 172 -8.95 20.83 15.96
CA CYS A 172 -9.46 21.96 16.71
C CYS A 172 -8.36 22.97 16.84
N LYS A 173 -8.64 24.20 16.40
CA LYS A 173 -7.66 25.26 16.38
C LYS A 173 -7.15 25.67 17.77
N GLY A 174 -7.94 25.39 18.80
CA GLY A 174 -7.54 25.66 20.17
C GLY A 174 -6.24 24.98 20.56
N PRO A 175 -6.28 23.65 20.77
CA PRO A 175 -5.11 22.85 21.14
C PRO A 175 -4.02 22.92 20.10
N ARG A 176 -4.39 22.87 18.83
CA ARG A 176 -3.41 22.99 17.75
C ARG A 176 -2.46 24.14 18.04
N ALA A 177 -3.02 25.29 18.38
CA ALA A 177 -2.22 26.49 18.70
C ALA A 177 -1.20 26.24 19.80
N VAL A 178 -1.51 25.33 20.71
CA VAL A 178 -0.65 25.06 21.86
C VAL A 178 0.53 24.21 21.42
N PHE A 179 0.22 23.08 20.77
CA PHE A 179 1.26 22.19 20.25
C PHE A 179 2.25 22.87 19.29
N SER A 180 1.78 23.87 18.55
CA SER A 180 2.66 24.62 17.68
C SER A 180 3.66 25.43 18.48
N ARG A 181 3.14 26.17 19.46
CA ARG A 181 3.99 27.02 20.21
C ARG A 181 5.07 26.15 20.86
N ILE A 182 4.68 24.94 21.24
CA ILE A 182 5.62 23.97 21.83
C ILE A 182 6.67 23.54 20.80
N LEU A 183 6.20 23.19 19.62
CA LEU A 183 7.06 22.85 18.52
C LEU A 183 7.95 24.05 18.14
N LEU A 184 7.39 25.26 18.16
CA LEU A 184 8.16 26.48 17.91
C LEU A 184 9.31 26.62 18.91
N LEU A 185 9.04 26.32 20.17
CA LEU A 185 10.04 26.41 21.23
C LEU A 185 11.10 25.38 21.02
N PHE A 186 10.70 24.17 20.66
CA PHE A 186 11.66 23.10 20.45
C PHE A 186 12.59 23.45 19.30
N SER A 187 12.05 24.16 18.31
CA SER A 187 12.79 24.46 17.09
C SER A 187 13.93 25.42 17.29
N LEU A 188 14.01 26.05 18.44
CA LEU A 188 14.99 27.10 18.64
C LEU A 188 16.34 26.44 18.83
N THR A 189 16.33 25.36 19.61
CA THR A 189 17.54 24.60 19.89
C THR A 189 18.07 23.93 18.63
N ASP A 190 17.50 22.79 18.26
CA ASP A 190 17.94 22.18 17.02
C ASP A 190 17.48 23.00 15.82
N SER A 191 16.24 22.79 15.42
CA SER A 191 15.71 23.33 14.17
C SER A 191 15.86 24.84 13.96
N MET A 192 15.15 25.34 12.96
CA MET A 192 15.20 26.74 12.57
C MET A 192 16.62 27.32 12.46
N GLU A 193 17.40 27.24 13.54
CA GLU A 193 18.77 27.76 13.56
C GLU A 193 19.75 27.06 12.60
N ASP A 194 19.65 25.72 12.54
CA ASP A 194 20.50 24.91 11.67
C ASP A 194 19.96 24.88 10.22
N GLU A 195 19.68 26.09 9.68
CA GLU A 195 18.99 26.32 8.38
C GLU A 195 17.47 26.38 8.54
N ASP A 196 16.79 27.11 7.64
CA ASP A 196 15.33 27.20 7.65
C ASP A 196 14.67 26.09 6.79
N ALA A 197 14.38 24.97 7.45
CA ALA A 197 13.99 23.72 6.79
C ALA A 197 12.50 23.60 6.42
N ALA A 198 12.06 22.36 6.11
CA ALA A 198 10.74 22.07 5.53
C ALA A 198 9.54 22.58 6.35
N CYS A 199 9.02 21.74 7.25
CA CYS A 199 7.87 22.09 8.11
C CYS A 199 6.55 22.24 7.35
N GLY A 200 5.69 21.24 7.49
CA GLY A 200 4.34 21.27 6.90
C GLY A 200 3.32 21.84 7.88
N GLY A 201 2.07 21.41 7.74
CA GLY A 201 0.99 21.80 8.66
C GLY A 201 0.83 23.31 8.85
N GLN A 202 0.91 23.77 10.11
CA GLN A 202 0.87 25.20 10.46
C GLN A 202 2.10 25.60 11.33
N GLY A 203 2.70 24.59 11.97
CA GLY A 203 3.96 24.75 12.70
C GLY A 203 4.60 23.39 12.89
N GLN A 204 5.80 23.19 12.33
CA GLN A 204 6.51 21.89 12.36
C GLN A 204 8.05 21.91 12.26
N LEU A 205 8.62 20.71 12.32
CA LEU A 205 10.06 20.45 12.34
C LEU A 205 10.54 20.13 10.94
N SER A 206 11.84 19.86 10.81
CA SER A 206 12.41 19.38 9.55
C SER A 206 12.15 17.90 9.35
N THR A 207 12.09 17.46 8.10
CA THR A 207 11.88 16.05 7.76
C THR A 207 12.81 15.14 8.55
N VAL A 208 14.11 15.43 8.49
CA VAL A 208 15.14 14.72 9.26
C VAL A 208 14.65 14.43 10.68
N LEU A 209 14.35 15.50 11.41
CA LEU A 209 13.88 15.43 12.78
C LEU A 209 12.60 14.62 12.96
N LEU A 210 11.56 14.94 12.19
CA LEU A 210 10.31 14.19 12.26
C LEU A 210 10.53 12.69 12.05
N VAL A 211 11.38 12.32 11.10
CA VAL A 211 11.62 10.90 10.82
C VAL A 211 12.47 10.22 11.89
N ASN A 212 13.49 10.92 12.36
CA ASN A 212 14.54 10.29 13.17
C ASN A 212 14.59 10.64 14.64
N LEU A 213 14.02 11.78 15.04
CA LEU A 213 14.21 12.31 16.37
C LEU A 213 14.02 11.25 17.46
N GLY A 214 13.16 10.27 17.21
CA GLY A 214 12.97 9.17 18.13
C GLY A 214 14.24 8.36 18.32
N ARG A 215 14.86 7.98 17.20
CA ARG A 215 16.10 7.17 17.16
C ARG A 215 17.35 7.89 17.61
N MET A 216 17.47 9.16 17.22
CA MET A 216 18.66 10.00 17.46
C MET A 216 19.25 9.99 18.86
N GLU A 217 20.56 9.82 18.94
CA GLU A 217 21.31 10.04 20.17
C GLU A 217 22.14 11.33 20.06
N PHE A 218 22.13 12.14 21.13
CA PHE A 218 22.80 13.45 21.12
C PHE A 218 24.13 13.48 21.91
N PRO A 219 25.01 14.46 21.59
CA PRO A 219 26.25 14.62 22.35
C PRO A 219 25.84 14.92 23.77
N SER A 220 26.56 14.38 24.76
CA SER A 220 26.20 14.66 26.13
C SER A 220 26.87 15.96 26.54
N TYR A 221 26.15 16.74 27.31
CA TYR A 221 26.57 18.06 27.71
C TYR A 221 25.69 18.38 28.90
N THR A 222 26.01 19.43 29.61
CA THR A 222 25.20 19.77 30.77
C THR A 222 24.31 20.97 30.50
N ILE A 223 23.00 20.73 30.61
CA ILE A 223 22.02 21.80 30.52
C ILE A 223 22.29 22.81 31.59
N ASN A 224 22.34 24.08 31.20
CA ASN A 224 22.69 25.13 32.12
C ASN A 224 22.13 26.41 31.58
N ARG A 225 21.01 26.85 32.13
CA ARG A 225 20.44 28.11 31.69
C ARG A 225 20.28 29.05 32.85
N LYS A 226 20.47 30.33 32.59
CA LYS A 226 20.27 31.33 33.63
C LYS A 226 19.66 32.63 33.09
N THR A 227 19.04 32.59 31.92
CA THR A 227 18.50 33.79 31.33
C THR A 227 17.22 33.47 30.60
N HIS A 228 16.18 34.24 30.93
CA HIS A 228 14.90 34.13 30.27
C HIS A 228 15.03 34.77 28.91
N ILE A 229 14.38 34.16 27.93
CA ILE A 229 14.45 34.61 26.57
C ILE A 229 13.18 35.45 26.34
N PHE A 230 12.06 34.91 26.82
CA PHE A 230 10.76 35.57 26.70
C PHE A 230 10.34 36.05 28.09
N GLN A 231 9.75 37.24 28.17
CA GLN A 231 9.33 37.78 29.45
C GLN A 231 8.13 37.03 30.02
N ASP A 232 7.17 36.72 29.15
CA ASP A 232 5.96 36.02 29.56
C ASP A 232 5.31 35.32 28.36
N ARG A 233 4.12 34.78 28.58
CA ARG A 233 3.35 34.14 27.55
C ARG A 233 3.10 35.09 26.38
N ASP A 234 3.07 36.38 26.68
CA ASP A 234 2.78 37.38 25.64
C ASP A 234 3.95 37.55 24.71
N ASP A 235 5.13 37.70 25.29
CA ASP A 235 6.36 37.80 24.54
C ASP A 235 6.45 36.65 23.53
N LEU A 236 6.31 35.42 24.01
CA LEU A 236 6.31 34.26 23.14
C LEU A 236 5.17 34.25 22.12
N ILE A 237 3.97 34.68 22.50
CA ILE A 237 2.88 34.84 21.49
C ILE A 237 3.19 35.87 20.38
N ARG A 238 3.82 36.98 20.76
CA ARG A 238 4.24 38.01 19.80
C ARG A 238 5.35 37.54 18.88
N TYR A 239 6.33 36.83 19.43
CA TYR A 239 7.42 36.22 18.64
C TYR A 239 6.91 35.25 17.59
N ALA A 240 6.10 34.30 18.02
CA ALA A 240 5.42 33.38 17.12
C ALA A 240 4.71 34.12 15.98
N ALA A 241 3.98 35.19 16.30
CA ALA A 241 3.25 36.01 15.33
C ALA A 241 4.15 36.54 14.19
N ALA A 242 5.34 37.00 14.56
CA ALA A 242 6.30 37.56 13.62
C ALA A 242 6.92 36.42 12.81
N THR A 243 7.32 35.36 13.52
CA THR A 243 7.69 34.10 12.88
C THR A 243 6.67 33.65 11.83
N HIS A 244 5.38 33.68 12.17
CA HIS A 244 4.35 33.28 11.22
C HIS A 244 4.36 34.22 10.04
N MET A 245 4.56 35.51 10.32
CA MET A 245 4.55 36.52 9.26
C MET A 245 5.68 36.27 8.27
N LEU A 246 6.90 36.14 8.80
CA LEU A 246 8.10 35.89 7.99
C LEU A 246 7.93 34.67 7.11
N SER A 247 7.38 33.61 7.70
CA SER A 247 7.09 32.38 6.99
C SER A 247 6.17 32.63 5.77
N ASP A 248 5.24 33.58 5.90
CA ASP A 248 4.34 33.95 4.82
C ASP A 248 5.03 34.77 3.72
N ILE A 249 5.81 35.77 4.12
CA ILE A 249 6.61 36.53 3.18
C ILE A 249 7.59 35.62 2.44
N SER A 250 8.27 34.74 3.17
CA SER A 250 9.19 33.76 2.58
C SER A 250 8.49 32.93 1.53
N SER A 251 7.38 32.31 1.93
CA SER A 251 6.59 31.51 1.02
C SER A 251 6.14 32.27 -0.23
N ALA A 252 5.65 33.49 -0.04
CA ALA A 252 5.13 34.28 -1.13
C ALA A 252 6.21 34.44 -2.19
N MET A 253 7.41 34.78 -1.74
CA MET A 253 8.52 35.02 -2.64
C MET A 253 8.84 33.75 -3.41
N ALA A 254 8.94 32.63 -2.70
CA ALA A 254 9.23 31.33 -3.30
C ALA A 254 8.24 30.95 -4.40
N ASN A 255 7.04 31.52 -4.33
CA ASN A 255 6.01 31.26 -5.34
C ASN A 255 5.94 32.37 -6.39
N GLY A 256 6.88 33.30 -6.30
CA GLY A 256 6.98 34.41 -7.24
C GLY A 256 5.84 35.39 -7.16
N ASN A 257 5.16 35.47 -6.02
CA ASN A 257 4.08 36.43 -5.83
C ASN A 257 4.65 37.66 -5.17
N TRP A 258 5.44 38.37 -5.94
CA TRP A 258 6.27 39.44 -5.44
C TRP A 258 5.50 40.65 -4.95
N GLU A 259 4.26 40.78 -5.44
CA GLU A 259 3.43 41.90 -5.06
C GLU A 259 2.79 41.65 -3.72
N GLU A 260 2.20 40.47 -3.58
CA GLU A 260 1.67 40.01 -2.31
C GLU A 260 2.78 40.14 -1.28
N ALA A 261 3.96 39.63 -1.62
CA ALA A 261 5.11 39.74 -0.74
C ALA A 261 5.39 41.19 -0.33
N LYS A 262 5.37 42.13 -1.27
CA LYS A 262 5.65 43.53 -0.94
C LYS A 262 4.69 44.07 0.12
N GLU A 263 3.39 43.79 -0.06
CA GLU A 263 2.35 44.30 0.83
C GLU A 263 2.58 43.76 2.21
N LEU A 264 2.58 42.44 2.31
CA LEU A 264 2.80 41.72 3.55
C LEU A 264 3.97 42.25 4.38
N ALA A 265 5.04 42.62 3.68
CA ALA A 265 6.22 43.24 4.28
C ALA A 265 5.92 44.66 4.78
N GLN A 266 5.27 45.45 3.93
CA GLN A 266 4.89 46.79 4.32
C GLN A 266 4.06 46.70 5.59
N CYS A 267 3.15 45.74 5.63
CA CYS A 267 2.36 45.47 6.80
C CYS A 267 3.24 45.18 8.01
N ALA A 268 4.19 44.27 7.82
CA ALA A 268 5.09 43.86 8.87
C ALA A 268 5.92 45.06 9.37
N LYS A 269 6.43 45.85 8.44
CA LYS A 269 7.22 47.03 8.79
C LYS A 269 6.46 48.00 9.70
N ARG A 270 5.27 48.39 9.27
CA ARG A 270 4.26 49.04 10.11
C ARG A 270 4.34 48.53 11.54
N ASP A 271 3.91 47.29 11.75
CA ASP A 271 3.78 46.73 13.09
C ASP A 271 5.06 46.84 13.93
N TRP A 272 6.21 46.67 13.30
CA TRP A 272 7.49 46.68 14.01
C TRP A 272 7.85 48.11 14.49
N ASN A 273 7.44 49.09 13.72
CA ASN A 273 7.57 50.47 14.15
C ASN A 273 6.60 50.80 15.27
N ARG A 274 5.37 50.32 15.14
CA ARG A 274 4.40 50.48 16.20
C ARG A 274 4.89 49.79 17.48
N LEU A 275 5.69 48.73 17.33
CA LEU A 275 6.13 47.87 18.45
C LEU A 275 7.27 48.41 19.32
N LYS A 276 8.04 49.38 18.83
CA LYS A 276 9.13 49.95 19.64
C LYS A 276 8.57 50.64 20.88
N ASN A 277 9.40 50.78 21.91
CA ASN A 277 9.00 51.39 23.21
C ASN A 277 8.38 50.44 24.21
N HIS A 278 7.67 49.43 23.72
CA HIS A 278 7.11 48.39 24.57
C HIS A 278 8.21 47.95 25.56
N PRO A 279 7.84 47.83 26.84
CA PRO A 279 8.83 47.58 27.89
C PRO A 279 9.71 46.35 27.61
N SER A 280 9.12 45.32 27.01
CA SER A 280 9.82 44.05 26.82
C SER A 280 11.11 44.20 26.01
N LEU A 281 11.12 45.16 25.09
CA LEU A 281 12.24 45.36 24.16
C LEU A 281 13.58 45.77 24.80
N ARG A 282 13.54 46.37 25.98
CA ARG A 282 14.78 46.69 26.70
C ARG A 282 15.43 45.39 27.12
N CYS A 283 14.62 44.45 27.61
CA CYS A 283 15.08 43.13 28.01
C CYS A 283 15.78 42.38 26.90
N HIS A 284 15.21 42.47 25.70
CA HIS A 284 15.77 41.82 24.54
C HIS A 284 17.15 42.38 24.18
N GLU A 285 17.24 43.71 24.16
CA GLU A 285 18.47 44.39 23.78
C GLU A 285 19.63 44.05 24.70
N ASP A 286 19.30 43.52 25.87
CA ASP A 286 20.27 43.17 26.89
C ASP A 286 20.77 41.74 26.77
N LEU A 287 19.99 40.90 26.09
CA LEU A 287 20.34 39.51 25.88
C LEU A 287 21.60 39.44 25.05
N PRO A 288 22.52 38.50 25.39
CA PRO A 288 23.64 38.24 24.49
C PRO A 288 23.15 37.90 23.07
N LEU A 289 23.97 38.22 22.07
CA LEU A 289 23.60 37.98 20.66
C LEU A 289 23.08 36.57 20.39
N PHE A 290 23.76 35.55 20.90
CA PHE A 290 23.35 34.21 20.55
C PHE A 290 21.98 33.83 21.13
N LEU A 291 21.45 34.67 22.03
CA LEU A 291 20.05 34.54 22.47
C LEU A 291 19.16 35.62 21.85
N ARG A 292 19.75 36.75 21.50
CA ARG A 292 18.97 37.84 20.91
C ARG A 292 18.30 37.45 19.60
N CYS A 293 18.72 36.35 19.02
CA CYS A 293 18.19 35.97 17.73
C CYS A 293 16.84 35.32 17.88
N PHE A 294 16.45 35.04 19.12
CA PHE A 294 15.11 34.51 19.35
C PHE A 294 14.20 35.60 19.95
N THR A 295 14.21 36.81 19.40
CA THR A 295 13.37 37.88 19.93
C THR A 295 12.60 38.57 18.80
N VAL A 296 11.38 39.03 19.08
CA VAL A 296 10.54 39.71 18.04
C VAL A 296 11.30 40.70 17.16
N GLY A 297 12.11 41.56 17.77
CA GLY A 297 12.86 42.56 17.01
C GLY A 297 13.79 41.95 15.97
N TRP A 298 14.49 40.88 16.36
CA TRP A 298 15.34 40.10 15.45
C TRP A 298 14.52 39.56 14.27
N ILE A 299 13.41 38.87 14.54
CA ILE A 299 12.58 38.37 13.46
C ILE A 299 12.10 39.49 12.56
N TYR A 300 11.69 40.61 13.15
CA TYR A 300 11.21 41.75 12.37
C TYR A 300 12.31 42.33 11.52
N THR A 301 13.52 42.38 12.08
CA THR A 301 14.69 42.78 11.31
C THR A 301 14.94 41.82 10.15
N ARG A 302 14.93 40.52 10.42
CA ARG A 302 14.99 39.53 9.35
C ARG A 302 13.99 39.85 8.24
N ILE A 303 12.76 40.19 8.62
CA ILE A 303 11.72 40.52 7.65
C ILE A 303 12.10 41.77 6.82
N LEU A 304 12.72 42.74 7.47
CA LEU A 304 13.18 43.92 6.74
C LEU A 304 14.19 43.53 5.68
N SER A 305 15.16 42.69 6.03
CA SER A 305 16.08 42.12 5.05
C SER A 305 15.37 41.47 3.86
N ARG A 306 14.43 40.58 4.11
CA ARG A 306 13.67 40.02 3.01
C ARG A 306 13.03 41.14 2.21
N PHE A 307 12.53 42.16 2.91
CA PHE A 307 11.87 43.32 2.27
C PHE A 307 12.79 44.03 1.28
N VAL A 308 14.05 44.26 1.65
CA VAL A 308 15.03 44.75 0.67
C VAL A 308 15.19 43.79 -0.52
N GLU A 309 15.13 42.48 -0.30
CA GLU A 309 15.17 41.56 -1.44
C GLU A 309 13.95 41.71 -2.33
N ILE A 310 12.82 42.05 -1.75
CA ILE A 310 11.60 42.20 -2.55
C ILE A 310 11.65 43.48 -3.40
N LEU A 311 12.18 44.56 -2.83
CA LEU A 311 12.24 45.84 -3.52
C LEU A 311 13.12 45.69 -4.73
N GLN A 312 14.25 45.02 -4.52
CA GLN A 312 15.26 44.81 -5.55
C GLN A 312 14.69 44.05 -6.75
N ARG A 313 14.02 42.93 -6.49
CA ARG A 313 13.26 42.20 -7.48
C ARG A 313 12.41 43.16 -8.33
N LEU A 314 11.68 44.04 -7.66
CA LEU A 314 10.77 44.98 -8.31
C LEU A 314 11.47 46.26 -8.78
N HIS A 315 12.77 46.16 -9.01
CA HIS A 315 13.61 47.27 -9.48
C HIS A 315 13.38 48.59 -8.78
N MET A 316 12.88 48.51 -7.54
CA MET A 316 12.72 49.67 -6.70
C MET A 316 13.99 49.85 -5.88
N TYR A 317 15.01 50.35 -6.55
CA TYR A 317 16.35 50.44 -5.97
C TYR A 317 16.55 51.56 -4.94
N GLU A 318 15.98 52.75 -5.18
CA GLU A 318 16.05 53.86 -4.21
C GLU A 318 15.45 53.44 -2.89
N GLU A 319 14.30 52.78 -2.97
CA GLU A 319 13.58 52.27 -1.82
C GLU A 319 14.46 51.30 -1.04
N ALA A 320 15.02 50.32 -1.77
CA ALA A 320 15.96 49.33 -1.24
C ALA A 320 17.18 49.98 -0.58
N VAL A 321 17.67 51.06 -1.16
CA VAL A 321 18.73 51.83 -0.52
C VAL A 321 18.28 52.48 0.79
N ARG A 322 17.08 53.03 0.78
CA ARG A 322 16.50 53.67 1.96
C ARG A 322 16.36 52.66 3.10
N GLU A 323 15.85 51.46 2.75
CA GLU A 323 15.71 50.35 3.70
C GLU A 323 17.03 49.88 4.25
N LEU A 324 18.02 49.74 3.37
CA LEU A 324 19.34 49.25 3.74
C LEU A 324 20.07 50.23 4.65
N GLU A 325 19.89 51.53 4.39
CA GLU A 325 20.47 52.56 5.23
C GLU A 325 19.82 52.59 6.61
N SER A 326 18.54 52.29 6.63
CA SER A 326 17.82 52.14 7.89
C SER A 326 18.39 50.99 8.73
N LEU A 327 18.33 49.76 8.17
CA LEU A 327 18.89 48.57 8.82
C LEU A 327 20.30 48.82 9.35
N LEU A 328 21.15 49.38 8.49
CA LEU A 328 22.54 49.58 8.84
C LEU A 328 22.79 50.60 9.94
N SER A 329 21.81 51.46 10.22
CA SER A 329 21.98 52.54 11.20
C SER A 329 21.82 52.08 12.64
N GLN A 330 21.30 50.87 12.83
CA GLN A 330 21.20 50.27 14.17
C GLN A 330 22.15 49.06 14.34
N ARG A 331 22.72 48.92 15.53
CA ARG A 331 23.62 47.80 15.83
C ARG A 331 22.98 46.71 16.68
N ILE A 332 21.70 46.88 17.05
CA ILE A 332 21.00 45.97 17.97
C ILE A 332 20.73 44.58 17.38
N TYR A 333 20.14 44.53 16.19
CA TYR A 333 19.63 43.29 15.63
C TYR A 333 20.39 42.84 14.39
N CYS A 334 20.63 41.52 14.31
CA CYS A 334 21.20 40.89 13.14
C CYS A 334 22.55 41.48 12.72
N PRO A 335 23.43 41.73 13.69
CA PRO A 335 24.68 42.37 13.31
C PRO A 335 25.50 41.52 12.34
N ASP A 336 25.39 40.19 12.46
CA ASP A 336 26.09 39.26 11.56
C ASP A 336 25.77 39.44 10.09
N SER A 337 24.66 40.12 9.79
CA SER A 337 24.19 40.32 8.41
C SER A 337 24.66 41.66 7.84
N ARG A 338 25.52 42.35 8.57
CA ARG A 338 25.96 43.68 8.17
C ARG A 338 26.79 43.62 6.88
N GLY A 339 27.67 42.63 6.82
CA GLY A 339 28.46 42.42 5.61
C GLY A 339 27.54 42.34 4.42
N ARG A 340 26.54 41.46 4.50
CA ARG A 340 25.65 41.31 3.35
C ARG A 340 24.97 42.58 2.98
N TRP A 341 24.59 43.42 3.96
CA TRP A 341 23.96 44.73 3.73
C TRP A 341 24.88 45.81 3.21
N TRP A 342 26.05 46.00 3.82
CA TRP A 342 27.00 46.96 3.28
C TRP A 342 27.33 46.63 1.81
N ASP A 343 27.60 45.34 1.56
CA ASP A 343 27.86 44.86 0.22
C ASP A 343 26.73 45.16 -0.76
N ARG A 344 25.52 44.89 -0.31
CA ARG A 344 24.33 45.11 -1.09
C ARG A 344 24.05 46.59 -1.33
N LEU A 345 24.37 47.41 -0.35
CA LEU A 345 24.16 48.85 -0.45
C LEU A 345 25.10 49.40 -1.50
N ALA A 346 26.37 49.04 -1.38
CA ALA A 346 27.39 49.46 -2.36
C ALA A 346 26.99 49.02 -3.77
N LEU A 347 26.67 47.75 -3.97
CA LEU A 347 26.25 47.31 -5.31
C LEU A 347 25.14 48.19 -5.84
N ASN A 348 24.12 48.43 -5.03
CA ASN A 348 22.96 49.24 -5.44
C ASN A 348 23.29 50.67 -5.85
N LEU A 349 24.01 51.40 -4.99
CA LEU A 349 24.41 52.77 -5.26
C LEU A 349 25.25 52.88 -6.54
N HIS A 350 26.24 52.00 -6.64
CA HIS A 350 27.18 52.01 -7.75
C HIS A 350 26.56 51.55 -9.06
N GLN A 351 25.84 50.43 -9.04
CA GLN A 351 25.40 49.80 -10.27
C GLN A 351 24.07 50.26 -10.79
N HIS A 352 23.11 50.47 -9.89
CA HIS A 352 21.74 50.77 -10.30
C HIS A 352 21.42 52.27 -10.23
N LEU A 353 21.76 52.91 -9.12
CA LEU A 353 21.51 54.34 -8.98
C LEU A 353 22.70 55.16 -9.45
N LYS A 354 23.70 54.48 -10.00
CA LYS A 354 24.86 55.15 -10.60
C LYS A 354 25.43 56.33 -9.80
N ARG A 355 25.32 56.29 -8.48
CA ARG A 355 25.75 57.42 -7.67
C ARG A 355 27.14 57.19 -7.00
N LEU A 356 28.20 57.64 -7.68
CA LEU A 356 29.57 57.27 -7.30
C LEU A 356 30.07 57.83 -5.97
N GLU A 357 29.74 59.10 -5.71
CA GLU A 357 30.07 59.78 -4.46
C GLU A 357 29.68 58.93 -3.22
N PRO A 358 28.37 58.61 -3.06
CA PRO A 358 27.96 57.77 -1.93
C PRO A 358 28.60 56.38 -1.90
N THR A 359 28.71 55.73 -3.06
CA THR A 359 29.32 54.41 -3.18
C THR A 359 30.65 54.33 -2.42
N ILE A 360 31.47 55.36 -2.50
CA ILE A 360 32.69 55.38 -1.71
C ILE A 360 32.43 55.47 -0.20
N LYS A 361 31.65 56.45 0.25
CA LYS A 361 31.31 56.56 1.68
C LYS A 361 30.82 55.24 2.22
N CYS A 362 29.98 54.59 1.41
CA CYS A 362 29.44 53.28 1.71
C CYS A 362 30.58 52.33 1.93
N ILE A 363 31.32 52.01 0.85
CA ILE A 363 32.52 51.18 0.93
C ILE A 363 33.42 51.50 2.13
N THR A 364 33.67 52.77 2.39
CA THR A 364 34.61 53.14 3.44
C THR A 364 34.11 52.76 4.82
N GLU A 365 32.82 53.01 5.05
CA GLU A 365 32.18 52.70 6.33
C GLU A 365 32.07 51.20 6.57
N GLY A 366 31.54 50.48 5.57
CA GLY A 366 31.55 49.02 5.51
C GLY A 366 32.88 48.44 5.95
N LEU A 367 33.96 48.94 5.34
CA LEU A 367 35.29 48.42 5.63
C LEU A 367 35.79 48.83 7.00
N ALA A 368 35.18 49.85 7.61
CA ALA A 368 35.56 50.30 8.93
C ALA A 368 34.73 49.63 10.01
N ASP A 369 33.71 48.88 9.60
CA ASP A 369 32.83 48.14 10.52
C ASP A 369 33.42 46.77 10.82
N PRO A 370 33.71 46.50 12.11
CA PRO A 370 34.39 45.27 12.44
C PRO A 370 33.47 44.05 12.24
N GLU A 371 32.18 44.32 12.08
CA GLU A 371 31.22 43.26 11.88
C GLU A 371 31.30 42.64 10.48
N VAL A 372 31.91 43.32 9.50
CA VAL A 372 32.03 42.73 8.14
C VAL A 372 33.28 41.86 7.99
N ARG A 373 33.13 40.69 7.37
CA ARG A 373 34.18 39.70 7.42
C ARG A 373 34.39 39.04 6.08
N THR A 374 35.50 38.29 5.97
CA THR A 374 35.79 37.36 4.85
C THR A 374 35.23 37.78 3.48
N GLY A 375 34.29 37.03 2.93
CA GLY A 375 33.74 37.34 1.60
C GLY A 375 33.30 38.79 1.35
N HIS A 376 32.32 39.26 2.12
CA HIS A 376 31.78 40.61 1.98
C HIS A 376 32.82 41.70 2.13
N ARG A 377 33.74 41.50 3.06
CA ARG A 377 34.79 42.48 3.26
C ARG A 377 35.66 42.58 2.00
N LEU A 378 36.01 41.44 1.42
CA LEU A 378 36.81 41.40 0.21
C LEU A 378 36.05 42.02 -0.93
N SER A 379 34.78 41.67 -1.03
CA SER A 379 33.92 42.22 -2.06
C SER A 379 33.88 43.74 -2.05
N LEU A 380 33.89 44.35 -0.87
CA LEU A 380 33.86 45.81 -0.78
C LEU A 380 35.19 46.36 -1.27
N TYR A 381 36.26 45.75 -0.78
CA TYR A 381 37.56 46.22 -1.12
C TYR A 381 37.75 46.17 -2.64
N GLN A 382 37.34 45.06 -3.25
CA GLN A 382 37.46 44.90 -4.69
C GLN A 382 36.70 45.95 -5.48
N ARG A 383 35.45 46.23 -5.10
CA ARG A 383 34.70 47.34 -5.68
C ARG A 383 35.46 48.66 -5.53
N ALA A 384 35.99 48.89 -4.34
CA ALA A 384 36.82 50.06 -4.10
C ALA A 384 38.00 50.19 -5.07
N VAL A 385 38.69 49.09 -5.41
CA VAL A 385 39.76 49.22 -6.41
C VAL A 385 39.16 49.47 -7.80
N ARG A 386 38.24 48.59 -8.23
CA ARG A 386 37.51 48.77 -9.50
C ARG A 386 37.13 50.25 -9.67
N LEU A 387 36.93 50.93 -8.55
CA LEU A 387 36.49 52.31 -8.55
C LEU A 387 37.66 53.29 -8.61
N ARG A 388 38.61 53.19 -7.69
CA ARG A 388 39.77 54.11 -7.69
C ARG A 388 40.55 54.02 -9.01
N GLU A 389 40.62 52.80 -9.53
CA GLU A 389 41.31 52.49 -10.76
C GLU A 389 40.38 52.76 -11.94
N SER A 390 39.56 53.79 -11.81
CA SER A 390 38.63 54.14 -12.86
C SER A 390 38.76 55.62 -13.19
N PRO A 391 38.57 55.98 -14.49
CA PRO A 391 38.67 57.34 -15.01
C PRO A 391 37.59 58.26 -14.43
N SER A 392 36.33 57.92 -14.72
CA SER A 392 35.15 58.62 -14.24
C SER A 392 35.31 59.01 -12.78
N CYS A 393 36.13 58.24 -12.08
CA CYS A 393 36.28 58.38 -10.67
C CYS A 393 37.49 59.21 -10.28
N LYS A 394 38.57 59.11 -11.06
CA LYS A 394 39.84 59.78 -10.77
C LYS A 394 39.73 61.21 -10.20
N LYS A 395 38.54 61.80 -10.31
CA LYS A 395 38.24 63.13 -9.77
C LYS A 395 38.36 63.24 -8.26
N PHE A 396 39.30 62.49 -7.69
CA PHE A 396 39.38 62.29 -6.25
C PHE A 396 40.69 61.58 -5.86
N LYS A 397 41.03 61.68 -4.59
CA LYS A 397 42.09 60.87 -3.98
C LYS A 397 41.66 60.54 -2.56
N HIS A 398 40.57 59.76 -2.47
CA HIS A 398 39.94 59.43 -1.21
C HIS A 398 39.79 57.93 -1.03
N LEU A 399 39.98 57.17 -2.12
CA LEU A 399 40.17 55.73 -2.04
C LEU A 399 41.65 55.42 -1.84
N PHE A 400 42.43 56.49 -1.79
CA PHE A 400 43.85 56.44 -1.45
C PHE A 400 44.00 56.43 0.08
N GLN A 401 42.90 56.71 0.78
CA GLN A 401 42.88 56.77 2.24
C GLN A 401 43.07 55.41 2.91
N GLN A 402 44.34 55.02 3.06
CA GLN A 402 44.73 53.83 3.82
C GLN A 402 43.74 52.67 3.68
N LEU A 403 43.63 52.14 2.46
CA LEU A 403 42.95 50.88 2.27
C LEU A 403 43.98 49.80 2.50
N PRO A 404 43.81 49.02 3.57
CA PRO A 404 44.75 47.95 3.84
C PRO A 404 44.84 47.05 2.62
N GLU A 405 45.91 47.19 1.84
CA GLU A 405 46.05 46.49 0.57
C GLU A 405 45.89 44.96 0.73
N MET A 406 44.65 44.51 0.49
CA MET A 406 44.22 43.14 0.72
C MET A 406 44.40 42.27 -0.53
N ALA A 407 45.57 42.42 -1.17
CA ALA A 407 45.89 41.70 -2.40
C ALA A 407 46.01 40.20 -2.16
N VAL A 408 45.12 39.45 -2.78
CA VAL A 408 45.05 37.99 -2.65
C VAL A 408 46.08 37.32 -3.59
N GLN A 409 46.94 36.49 -2.99
CA GLN A 409 47.93 35.71 -3.75
C GLN A 409 47.20 34.88 -4.79
N ASP A 410 47.84 34.65 -5.94
CA ASP A 410 47.17 33.93 -7.02
C ASP A 410 47.41 32.42 -7.04
N VAL A 411 46.54 31.73 -7.75
CA VAL A 411 46.29 30.32 -7.53
C VAL A 411 46.33 29.55 -8.85
N LYS A 412 46.95 28.37 -8.84
CA LYS A 412 47.08 27.58 -10.07
C LYS A 412 45.71 27.16 -10.54
N HIS A 413 45.39 27.54 -11.77
CA HIS A 413 44.16 27.13 -12.42
C HIS A 413 44.47 26.07 -13.43
N VAL A 414 43.55 25.13 -13.57
CA VAL A 414 43.73 23.97 -14.41
C VAL A 414 42.41 23.72 -15.13
N THR A 415 42.46 23.21 -16.35
CA THR A 415 41.23 22.90 -17.09
C THR A 415 41.29 21.50 -17.64
N ILE A 416 40.21 20.76 -17.49
CA ILE A 416 40.07 19.49 -18.17
C ILE A 416 38.78 19.54 -18.97
N THR A 417 38.47 18.44 -19.67
CA THR A 417 37.27 18.36 -20.51
C THR A 417 36.53 17.07 -20.22
N GLY A 418 35.21 17.10 -20.40
CA GLY A 418 34.38 15.91 -20.23
C GLY A 418 33.15 16.00 -21.11
N ARG A 419 32.61 14.84 -21.51
CA ARG A 419 31.46 14.79 -22.40
C ARG A 419 30.15 15.05 -21.68
N LEU A 420 29.52 16.17 -22.04
CA LEU A 420 28.23 16.57 -21.51
C LEU A 420 27.12 15.69 -22.06
N CYS A 421 26.03 15.53 -21.30
CA CYS A 421 24.96 14.62 -21.70
C CYS A 421 23.58 15.29 -21.67
N VAL A 430 24.65 17.06 -15.77
CA VAL A 430 25.05 15.65 -15.80
C VAL A 430 26.00 15.43 -16.98
N PHE A 431 27.16 14.81 -16.67
CA PHE A 431 28.19 14.52 -17.67
C PHE A 431 28.32 13.01 -17.87
N VAL A 432 29.30 12.60 -18.67
CA VAL A 432 29.62 11.17 -18.88
C VAL A 432 31.16 10.97 -18.87
N MET A 433 31.58 9.81 -18.34
CA MET A 433 33.01 9.46 -18.22
C MET A 433 33.32 8.04 -18.70
N VAL A 444 28.89 6.02 -17.55
CA VAL A 444 28.17 6.34 -16.32
C VAL A 444 27.73 7.81 -16.36
N LEU A 445 26.51 8.09 -15.88
CA LEU A 445 26.10 9.47 -15.60
C LEU A 445 26.76 9.95 -14.30
N CYS A 446 27.43 11.09 -14.36
CA CYS A 446 28.24 11.59 -13.24
C CYS A 446 28.30 13.12 -13.14
N SER A 447 28.57 13.59 -11.93
CA SER A 447 28.71 15.01 -11.65
C SER A 447 30.04 15.58 -12.17
N VAL A 448 30.14 16.91 -12.12
CA VAL A 448 31.33 17.65 -12.49
C VAL A 448 32.47 17.32 -11.56
N GLU A 449 32.10 16.94 -10.34
CA GLU A 449 33.07 16.69 -9.27
C GLU A 449 33.76 15.33 -9.44
N GLU A 450 32.98 14.29 -9.74
CA GLU A 450 33.52 12.93 -9.94
C GLU A 450 34.41 12.86 -11.17
N LEU A 451 34.06 13.65 -12.18
CA LEU A 451 34.88 13.79 -13.34
C LEU A 451 36.27 14.27 -12.94
N ALA A 452 36.32 15.33 -12.13
CA ALA A 452 37.58 15.87 -11.63
C ALA A 452 38.33 14.82 -10.81
N LEU A 453 37.59 14.07 -10.00
CA LEU A 453 38.17 13.02 -9.16
C LEU A 453 38.91 11.97 -10.00
N ALA A 454 38.35 11.64 -11.17
CA ALA A 454 39.04 10.84 -12.20
C ALA A 454 40.38 11.45 -12.65
N HIS A 455 40.36 12.70 -13.12
CA HIS A 455 41.59 13.41 -13.50
C HIS A 455 42.66 13.39 -12.42
N TYR A 456 42.24 13.44 -11.16
CA TYR A 456 43.23 13.48 -10.08
C TYR A 456 43.72 12.08 -9.77
N ARG A 457 42.83 11.08 -9.93
CA ARG A 457 43.21 9.67 -9.83
C ARG A 457 44.30 9.32 -10.83
N ARG A 458 44.18 9.85 -12.05
CA ARG A 458 45.16 9.59 -13.07
C ARG A 458 46.31 10.60 -12.95
N SER A 459 46.21 11.50 -11.98
CA SER A 459 47.35 12.36 -11.68
C SER A 459 48.16 11.86 -10.51
N GLY A 460 47.91 10.62 -10.10
CA GLY A 460 48.68 9.96 -9.03
C GLY A 460 48.22 10.29 -7.63
N PHE A 461 46.92 10.52 -7.48
CA PHE A 461 46.33 10.65 -6.18
C PHE A 461 45.25 9.56 -6.12
N ASP A 462 45.61 8.39 -5.62
CA ASP A 462 44.66 7.27 -5.58
C ASP A 462 43.43 7.55 -4.72
N GLN A 463 43.55 8.50 -3.80
CA GLN A 463 42.50 8.85 -2.83
C GLN A 463 41.79 10.16 -3.08
N GLY A 464 40.54 10.23 -2.66
CA GLY A 464 39.76 11.47 -2.78
C GLY A 464 38.41 11.45 -2.06
N ILE A 465 38.01 12.61 -1.55
CA ILE A 465 36.70 12.77 -0.95
C ILE A 465 36.05 13.98 -1.58
N HIS A 466 34.78 13.86 -1.90
CA HIS A 466 34.02 15.02 -2.30
C HIS A 466 33.23 15.46 -1.07
N GLY A 467 33.72 16.46 -0.35
CA GLY A 467 33.09 16.80 0.91
C GLY A 467 32.73 18.26 1.11
N GLU A 468 33.30 19.14 0.28
CA GLU A 468 33.17 20.58 0.47
C GLU A 468 33.52 20.92 1.92
N GLY A 469 32.69 21.74 2.57
CA GLY A 469 32.89 22.14 3.97
C GLY A 469 32.89 21.03 5.02
N SER A 470 32.17 19.93 4.78
CA SER A 470 32.05 18.87 5.79
C SER A 470 33.28 17.99 5.98
N THR A 471 34.14 17.89 4.97
CA THR A 471 35.42 17.24 5.20
C THR A 471 36.10 17.93 6.38
N PHE A 472 36.44 19.22 6.18
CA PHE A 472 37.09 20.05 7.23
C PHE A 472 36.32 20.24 8.51
N SER A 473 35.04 20.51 8.34
CA SER A 473 34.11 20.67 9.43
C SER A 473 34.06 19.47 10.38
N THR A 474 33.92 18.27 9.81
CA THR A 474 33.87 17.06 10.63
C THR A 474 35.22 16.75 11.27
N LEU A 475 36.31 17.08 10.59
CA LEU A 475 37.61 16.99 11.24
C LEU A 475 37.72 17.97 12.40
N TYR A 476 37.25 19.20 12.20
CA TYR A 476 37.18 20.20 13.27
C TYR A 476 36.39 19.66 14.44
N GLY A 477 35.21 19.10 14.15
CA GLY A 477 34.38 18.43 15.15
C GLY A 477 35.12 17.34 15.92
N LEU A 478 35.72 16.41 15.20
CA LEU A 478 36.44 15.29 15.81
C LEU A 478 37.56 15.75 16.78
N LEU A 479 38.38 16.71 16.37
CA LEU A 479 39.51 17.15 17.21
C LEU A 479 39.15 18.09 18.36
N LEU A 480 37.93 18.68 18.33
CA LEU A 480 37.53 19.68 19.36
C LEU A 480 36.25 19.34 20.13
N TRP A 481 35.70 18.16 19.84
CA TRP A 481 34.41 17.71 20.38
C TRP A 481 34.16 18.17 21.80
N ASP A 482 35.10 17.86 22.68
CA ASP A 482 34.94 18.04 24.10
C ASP A 482 34.95 19.50 24.46
N ILE A 483 35.66 20.30 23.68
CA ILE A 483 35.67 21.73 23.92
C ILE A 483 34.35 22.32 23.39
N ILE A 484 33.84 21.74 22.31
CA ILE A 484 32.60 22.22 21.73
C ILE A 484 31.46 21.98 22.71
N PHE A 485 31.42 20.77 23.30
CA PHE A 485 30.36 20.40 24.25
C PHE A 485 30.76 20.56 25.73
N MET A 486 31.71 21.46 25.95
CA MET A 486 32.24 21.81 27.25
C MET A 486 31.24 22.49 28.20
N ASP A 487 31.40 22.20 29.49
CA ASP A 487 30.60 22.84 30.53
C ASP A 487 31.12 24.24 30.87
N GLY A 488 30.31 25.01 31.61
CA GLY A 488 30.74 26.27 32.20
C GLY A 488 30.35 27.52 31.44
N ILE A 489 29.68 27.40 30.31
CA ILE A 489 29.20 28.59 29.66
C ILE A 489 27.66 28.75 29.84
N PRO A 490 27.24 29.74 30.68
CA PRO A 490 25.80 29.87 30.99
C PRO A 490 24.95 30.02 29.72
N ASP A 491 23.76 29.42 29.74
CA ASP A 491 22.74 29.57 28.69
C ASP A 491 22.99 28.90 27.34
N VAL A 492 24.17 28.34 27.09
CA VAL A 492 24.44 27.71 25.77
C VAL A 492 23.81 26.34 25.58
N PHE A 493 23.58 25.59 26.65
CA PHE A 493 22.78 24.40 26.56
C PHE A 493 21.51 24.61 27.36
N ARG A 494 20.39 24.74 26.64
CA ARG A 494 19.10 25.03 27.27
C ARG A 494 18.21 23.80 27.37
N ASN A 495 18.45 22.80 26.52
CA ASN A 495 17.72 21.54 26.61
C ASN A 495 18.36 20.32 25.94
N ALA A 496 17.60 19.24 25.95
CA ALA A 496 18.15 17.91 25.76
C ALA A 496 18.49 17.54 24.33
N CYS A 497 18.01 18.31 23.36
CA CYS A 497 18.20 17.89 21.97
C CYS A 497 19.08 18.79 21.11
N GLN A 498 20.15 19.33 21.69
CA GLN A 498 21.05 20.22 20.97
C GLN A 498 22.15 19.42 20.32
N ALA A 499 22.51 19.79 19.08
CA ALA A 499 23.61 19.19 18.36
C ALA A 499 24.77 20.15 18.28
N PHE A 500 24.66 21.26 19.01
CA PHE A 500 25.71 22.25 19.17
C PHE A 500 25.30 23.22 20.27
N PRO A 501 26.29 23.87 20.93
CA PRO A 501 26.05 24.98 21.85
C PRO A 501 25.46 26.18 21.11
N LEU A 502 24.50 26.84 21.72
CA LEU A 502 23.80 27.93 21.06
C LEU A 502 24.70 29.09 20.61
N ASP A 503 25.85 29.27 21.24
CA ASP A 503 26.71 30.37 20.84
C ASP A 503 27.73 30.01 19.75
N LEU A 504 27.77 28.73 19.33
CA LEU A 504 28.68 28.27 18.28
C LEU A 504 28.91 29.26 17.14
N CYS A 505 27.86 29.86 16.60
CA CYS A 505 27.99 30.75 15.45
C CYS A 505 28.04 32.20 15.82
N THR A 506 28.60 32.53 16.97
CA THR A 506 28.72 33.91 17.39
C THR A 506 30.19 34.14 17.65
N ASP A 507 30.57 35.41 17.80
CA ASP A 507 31.89 35.77 18.27
C ASP A 507 32.11 35.33 19.70
N SER A 508 31.05 35.14 20.46
CA SER A 508 31.27 34.78 21.84
C SER A 508 31.70 33.32 22.02
N PHE A 509 31.48 32.47 21.01
CA PHE A 509 31.86 31.06 21.10
C PHE A 509 33.34 30.91 21.35
N PHE A 510 34.14 31.65 20.61
CA PHE A 510 35.58 31.56 20.80
C PHE A 510 36.02 32.20 22.10
N THR A 511 35.61 33.45 22.31
CA THR A 511 36.06 34.26 23.46
C THR A 511 35.59 33.68 24.80
N SER A 512 34.38 33.12 24.85
CA SER A 512 33.97 32.34 25.99
C SER A 512 34.87 31.15 26.27
N ARG A 513 35.40 30.51 25.22
CA ARG A 513 36.26 29.33 25.42
C ARG A 513 37.72 29.55 25.06
N ARG A 514 38.19 30.78 25.23
CA ARG A 514 39.46 31.23 24.65
C ARG A 514 40.73 30.48 25.09
N PRO A 515 40.97 30.38 26.42
CA PRO A 515 42.17 29.66 26.89
C PRO A 515 42.17 28.19 26.47
N ALA A 516 40.99 27.57 26.51
CA ALA A 516 40.81 26.17 26.14
C ALA A 516 41.16 25.95 24.69
N LEU A 517 40.58 26.78 23.83
CA LEU A 517 40.83 26.67 22.41
C LEU A 517 42.32 26.92 22.12
N GLU A 518 42.80 28.09 22.54
CA GLU A 518 44.17 28.47 22.28
C GLU A 518 45.12 27.33 22.65
N ALA A 519 44.85 26.71 23.80
CA ALA A 519 45.57 25.52 24.21
C ALA A 519 45.51 24.37 23.16
N ARG A 520 44.29 23.91 22.86
CA ARG A 520 44.06 22.80 21.95
C ARG A 520 44.64 23.06 20.56
N LEU A 521 44.59 24.32 20.13
CA LEU A 521 45.07 24.66 18.85
C LEU A 521 46.58 24.49 18.80
N GLN A 522 47.25 25.00 19.83
CA GLN A 522 48.71 24.94 19.92
C GLN A 522 49.15 23.49 19.91
N LEU A 523 48.38 22.68 20.62
CA LEU A 523 48.69 21.30 20.77
C LEU A 523 48.51 20.57 19.44
N ILE A 524 47.48 20.93 18.68
CA ILE A 524 47.24 20.29 17.40
C ILE A 524 48.30 20.67 16.37
N HIS A 525 48.73 21.92 16.43
CA HIS A 525 49.79 22.46 15.57
C HIS A 525 51.12 21.66 15.74
N ASP A 526 51.41 21.30 16.98
CA ASP A 526 52.66 20.65 17.33
C ASP A 526 52.57 19.13 17.27
N ALA A 527 51.37 18.62 17.02
CA ALA A 527 51.12 17.19 17.15
C ALA A 527 51.86 16.41 16.06
N PRO A 528 52.65 15.40 16.46
CA PRO A 528 53.16 14.46 15.47
C PRO A 528 52.04 13.56 15.01
N GLU A 529 52.16 13.04 13.79
CA GLU A 529 51.06 12.38 13.11
C GLU A 529 50.54 11.05 13.71
N GLU A 530 50.86 10.76 14.97
CA GLU A 530 50.29 9.59 15.64
C GLU A 530 49.33 10.06 16.73
N SER A 531 49.68 11.18 17.36
CA SER A 531 48.77 11.90 18.24
C SER A 531 47.52 12.25 17.49
N LEU A 532 47.69 12.87 16.31
CA LEU A 532 46.56 13.22 15.46
C LEU A 532 45.68 12.01 15.17
N ARG A 533 46.28 10.88 14.79
CA ARG A 533 45.50 9.64 14.58
C ARG A 533 44.84 9.19 15.88
N ALA A 534 45.57 9.27 16.99
CA ALA A 534 45.05 8.84 18.28
C ALA A 534 43.79 9.62 18.65
N TRP A 535 43.94 10.93 18.81
CA TRP A 535 42.87 11.89 19.07
C TRP A 535 41.60 11.68 18.23
N VAL A 536 41.76 11.65 16.91
CA VAL A 536 40.65 11.32 16.03
C VAL A 536 39.96 10.02 16.49
N ALA A 537 40.71 8.97 16.72
CA ALA A 537 40.12 7.71 17.09
C ALA A 537 39.40 7.83 18.42
N ALA A 538 39.95 8.67 19.31
CA ALA A 538 39.41 8.85 20.67
C ALA A 538 38.02 9.41 20.63
N THR A 539 37.80 10.39 19.76
CA THR A 539 36.47 10.97 19.65
C THR A 539 35.58 10.03 18.87
N TRP A 540 36.10 9.51 17.75
CA TRP A 540 35.38 8.53 16.92
C TRP A 540 34.79 7.35 17.73
N HIS A 541 35.59 6.75 18.61
CA HIS A 541 35.16 5.55 19.30
C HIS A 541 34.10 5.81 20.33
N GLU A 542 34.19 6.95 21.01
CA GLU A 542 33.19 7.32 22.02
C GLU A 542 31.95 8.00 21.46
N GLN A 543 32.10 8.72 20.35
CA GLN A 543 31.00 9.53 19.87
C GLN A 543 30.30 9.04 18.62
N GLU A 544 30.79 7.96 18.00
CA GLU A 544 30.25 7.53 16.69
C GLU A 544 28.73 7.46 16.76
N GLY A 545 28.07 8.05 15.79
CA GLY A 545 26.61 8.13 15.82
C GLY A 545 25.96 9.39 16.39
N ARG A 546 26.46 9.89 17.54
CA ARG A 546 25.95 11.11 18.18
C ARG A 546 25.77 12.27 17.20
N VAL A 547 24.55 12.82 17.17
CA VAL A 547 24.18 13.88 16.23
C VAL A 547 24.85 15.20 16.64
N ALA A 548 25.75 15.68 15.80
CA ALA A 548 26.47 16.91 16.11
C ALA A 548 26.60 17.73 14.85
N SER A 549 26.08 18.94 14.87
CA SER A 549 25.98 19.74 13.64
C SER A 549 27.26 19.79 12.81
N LEU A 550 28.42 19.68 13.44
CA LEU A 550 29.68 19.82 12.74
C LEU A 550 30.14 18.57 12.01
N VAL A 551 29.71 17.41 12.51
CA VAL A 551 30.24 16.11 12.11
C VAL A 551 29.29 15.33 11.24
N SER A 552 29.76 14.82 10.11
CA SER A 552 29.04 13.80 9.32
C SER A 552 29.76 12.48 9.49
N TRP A 553 29.12 11.55 10.17
CA TRP A 553 29.73 10.24 10.47
C TRP A 553 30.01 9.37 9.24
N ASP A 554 29.40 9.74 8.11
CA ASP A 554 29.59 9.00 6.89
C ASP A 554 30.30 9.83 5.83
N ARG A 555 30.91 10.93 6.24
CA ARG A 555 31.73 11.73 5.34
C ARG A 555 32.98 10.95 4.92
N PHE A 556 33.53 10.21 5.88
CA PHE A 556 34.70 9.39 5.71
C PHE A 556 34.25 7.93 5.72
N THR A 557 34.78 7.13 4.79
CA THR A 557 34.32 5.75 4.62
C THR A 557 34.72 4.84 5.76
N SER A 558 35.57 5.31 6.67
CA SER A 558 35.87 4.64 7.95
C SER A 558 36.77 5.50 8.81
N LEU A 559 36.89 5.16 10.08
CA LEU A 559 37.84 5.82 10.97
C LEU A 559 39.26 5.83 10.39
N GLN A 560 39.62 4.81 9.59
CA GLN A 560 40.95 4.67 9.01
C GLN A 560 41.23 5.79 8.01
N GLN A 561 40.24 6.07 7.17
CA GLN A 561 40.40 7.12 6.18
C GLN A 561 40.63 8.50 6.83
N ALA A 562 39.85 8.75 7.90
CA ALA A 562 39.94 9.95 8.73
C ALA A 562 41.35 10.14 9.24
N GLN A 563 41.98 9.04 9.62
CA GLN A 563 43.34 9.05 10.13
C GLN A 563 44.43 9.21 9.08
N ASP A 564 44.17 8.70 7.87
CA ASP A 564 45.14 8.84 6.77
C ASP A 564 45.24 10.26 6.32
N LEU A 565 44.08 10.92 6.32
CA LEU A 565 43.97 12.30 5.89
C LEU A 565 44.61 13.23 6.90
N VAL A 566 44.38 12.99 8.18
CA VAL A 566 45.04 13.86 9.16
C VAL A 566 46.56 13.64 9.17
N SER A 567 47.00 12.49 8.70
CA SER A 567 48.43 12.24 8.51
C SER A 567 49.04 13.06 7.38
N CYS A 568 48.31 13.22 6.28
CA CYS A 568 48.79 13.99 5.13
C CYS A 568 48.80 15.48 5.36
N LEU A 569 47.73 16.00 5.96
CA LEU A 569 47.58 17.44 6.20
C LEU A 569 48.54 17.92 7.27
N GLY A 570 48.81 17.04 8.24
CA GLY A 570 49.64 17.37 9.38
C GLY A 570 49.07 18.42 10.33
N GLY A 571 49.76 18.60 11.45
CA GLY A 571 49.33 19.51 12.52
C GLY A 571 49.07 20.94 12.10
N PRO A 572 50.12 21.64 11.60
CA PRO A 572 49.94 23.07 11.30
C PRO A 572 48.70 23.39 10.44
N VAL A 573 48.48 22.63 9.38
CA VAL A 573 47.33 22.86 8.47
C VAL A 573 46.01 22.67 9.22
N LEU A 574 45.91 21.56 9.96
CA LEU A 574 44.71 21.25 10.71
C LEU A 574 44.45 22.31 11.76
N SER A 575 45.53 22.77 12.39
CA SER A 575 45.43 23.85 13.38
C SER A 575 44.90 25.13 12.77
N GLY A 576 45.47 25.56 11.66
CA GLY A 576 45.01 26.77 11.00
C GLY A 576 43.54 26.76 10.63
N VAL A 577 43.12 25.69 9.94
CA VAL A 577 41.73 25.50 9.54
C VAL A 577 40.79 25.57 10.75
N CYS A 578 41.14 24.88 11.83
CA CYS A 578 40.30 24.87 13.03
C CYS A 578 40.17 26.26 13.68
N ARG A 579 41.27 27.01 13.72
CA ARG A 579 41.26 28.34 14.32
C ARG A 579 40.20 29.19 13.65
N HIS A 580 40.20 29.21 12.32
CA HIS A 580 39.18 29.92 11.55
C HIS A 580 37.73 29.44 11.83
N LEU A 581 37.53 28.12 11.80
CA LEU A 581 36.22 27.53 11.99
C LEU A 581 35.73 27.77 13.39
N ALA A 582 36.65 27.95 14.32
CA ALA A 582 36.25 28.21 15.69
C ALA A 582 36.17 29.72 16.01
N ALA A 583 36.99 30.52 15.35
CA ALA A 583 37.00 31.96 15.60
C ALA A 583 35.75 32.64 15.04
N ASP A 584 35.20 32.09 13.97
CA ASP A 584 34.22 32.82 13.16
C ASP A 584 33.50 31.88 12.21
N PHE A 585 32.95 30.81 12.75
CA PHE A 585 32.27 29.82 11.94
C PHE A 585 31.22 30.42 11.03
N ARG A 586 30.41 31.33 11.57
CA ARG A 586 29.40 32.04 10.79
C ARG A 586 29.92 32.57 9.44
N HIS A 587 31.11 33.15 9.42
CA HIS A 587 31.63 33.78 8.20
C HIS A 587 32.67 32.95 7.47
N CYS A 588 33.08 31.84 8.09
CA CYS A 588 34.10 30.99 7.50
C CYS A 588 33.57 29.65 7.08
N ARG A 589 32.39 29.26 7.54
CA ARG A 589 31.85 27.93 7.23
C ARG A 589 31.77 27.65 5.72
N GLY A 590 31.67 28.71 4.93
CA GLY A 590 31.53 28.57 3.48
C GLY A 590 32.78 28.92 2.72
N GLY A 591 32.93 28.36 1.52
CA GLY A 591 34.02 28.70 0.61
C GLY A 591 35.23 27.77 0.52
N LEU A 592 35.30 26.73 1.35
CA LEU A 592 36.37 25.71 1.24
C LEU A 592 36.19 24.88 -0.02
N PRO A 593 37.29 24.38 -0.62
CA PRO A 593 37.20 23.61 -1.87
C PRO A 593 36.36 22.32 -1.79
N ASP A 594 35.75 21.95 -2.91
CA ASP A 594 34.93 20.72 -3.02
C ASP A 594 35.71 19.45 -2.63
N LEU A 595 36.97 19.39 -3.07
CA LEU A 595 37.75 18.17 -3.10
C LEU A 595 39.03 18.16 -2.23
N VAL A 596 39.26 17.03 -1.57
CA VAL A 596 40.58 16.69 -1.07
C VAL A 596 41.07 15.45 -1.83
N VAL A 597 42.27 15.55 -2.38
CA VAL A 597 42.94 14.36 -2.95
C VAL A 597 44.35 14.17 -2.38
N TRP A 598 44.67 12.90 -2.10
CA TRP A 598 45.98 12.54 -1.61
C TRP A 598 46.48 11.22 -2.18
N ASN A 599 47.77 11.01 -1.95
CA ASN A 599 48.46 9.81 -2.34
C ASN A 599 48.83 9.04 -1.10
N SER A 600 48.36 7.79 -1.02
CA SER A 600 48.65 6.91 0.10
C SER A 600 50.14 6.86 0.44
N GLN A 601 50.98 6.42 -0.52
CA GLN A 601 52.38 6.20 -0.19
C GLN A 601 53.23 7.45 -0.11
N SER A 602 52.98 8.45 -0.94
CA SER A 602 53.83 9.66 -0.93
C SER A 602 53.35 10.67 0.07
N ARG A 603 52.13 10.49 0.57
CA ARG A 603 51.48 11.44 1.49
C ARG A 603 51.05 12.77 0.86
N HIS A 604 51.47 13.06 -0.37
CA HIS A 604 51.05 14.30 -1.07
C HIS A 604 49.55 14.43 -1.17
N PHE A 605 49.05 15.61 -0.79
CA PHE A 605 47.66 15.91 -0.93
C PHE A 605 47.52 17.24 -1.65
N LYS A 606 46.35 17.44 -2.25
CA LYS A 606 46.02 18.67 -2.94
C LYS A 606 44.56 19.01 -2.64
N LEU A 607 44.26 20.31 -2.56
CA LEU A 607 42.91 20.80 -2.29
C LEU A 607 42.35 21.42 -3.56
N VAL A 608 41.24 20.87 -4.04
CA VAL A 608 40.75 21.29 -5.36
C VAL A 608 39.34 21.87 -5.30
N GLU A 609 39.19 23.08 -5.84
CA GLU A 609 37.89 23.74 -6.00
C GLU A 609 37.45 23.56 -7.44
N VAL A 610 36.51 22.63 -7.64
CA VAL A 610 35.99 22.26 -8.98
C VAL A 610 35.13 23.37 -9.57
N LYS A 611 35.34 23.74 -10.82
CA LYS A 611 34.49 24.76 -11.42
C LYS A 611 33.83 24.25 -12.67
N GLY A 612 32.50 24.11 -12.63
CA GLY A 612 31.73 23.77 -13.83
C GLY A 612 31.81 24.85 -14.88
N PRO A 613 31.10 24.64 -16.01
CA PRO A 613 31.14 25.69 -17.04
C PRO A 613 30.47 26.98 -16.55
N ASN A 614 29.57 26.85 -15.58
CA ASN A 614 28.78 27.98 -15.08
C ASN A 614 29.04 28.48 -13.64
N ASP A 615 29.99 27.90 -12.93
CA ASP A 615 30.29 28.40 -11.59
C ASP A 615 31.73 28.90 -11.54
N ARG A 616 31.90 30.11 -10.99
CA ARG A 616 33.22 30.75 -10.85
C ARG A 616 33.58 31.02 -9.38
N LEU A 617 34.74 31.59 -9.15
CA LEU A 617 35.24 31.77 -7.79
C LEU A 617 34.44 32.81 -7.00
N SER A 618 33.79 32.39 -5.92
CA SER A 618 33.17 33.33 -4.99
C SER A 618 34.25 34.05 -4.20
N HIS A 619 33.93 35.20 -3.59
CA HIS A 619 34.88 35.91 -2.71
C HIS A 619 35.35 35.05 -1.53
N LYS A 620 34.42 34.35 -0.88
CA LYS A 620 34.78 33.47 0.24
C LYS A 620 35.75 32.38 -0.20
N GLN A 621 35.51 31.82 -1.38
CA GLN A 621 36.41 30.82 -1.97
C GLN A 621 37.83 31.35 -2.16
N MET A 622 37.96 32.52 -2.78
CA MET A 622 39.28 33.10 -2.91
C MET A 622 39.95 33.46 -1.58
N ILE A 623 39.21 33.83 -0.54
CA ILE A 623 39.86 34.06 0.75
C ILE A 623 40.39 32.73 1.31
N TRP A 624 39.59 31.67 1.13
CA TRP A 624 39.95 30.37 1.66
C TRP A 624 41.20 29.83 1.01
N LEU A 625 41.23 29.85 -0.32
CA LEU A 625 42.37 29.31 -1.08
C LEU A 625 43.66 30.05 -0.76
N ALA A 626 43.57 31.33 -0.41
CA ALA A 626 44.74 32.13 -0.05
C ALA A 626 45.26 31.69 1.30
N GLU A 627 44.31 31.33 2.14
CA GLU A 627 44.56 31.07 3.53
C GLU A 627 45.18 29.69 3.66
N LEU A 628 44.73 28.77 2.81
CA LEU A 628 45.20 27.41 2.78
C LEU A 628 46.60 27.35 2.17
N GLN A 629 46.82 28.24 1.19
CA GLN A 629 48.11 28.47 0.59
C GLN A 629 49.06 28.96 1.66
N LYS A 630 48.63 29.96 2.44
CA LYS A 630 49.41 30.48 3.58
C LYS A 630 49.84 29.40 4.56
N LEU A 631 48.98 28.42 4.77
CA LEU A 631 49.28 27.29 5.64
C LEU A 631 50.12 26.22 4.91
N GLY A 632 50.48 26.52 3.68
CA GLY A 632 51.36 25.66 2.89
C GLY A 632 50.63 24.42 2.47
N ALA A 633 49.74 24.56 1.48
CA ALA A 633 49.00 23.43 0.98
C ALA A 633 48.72 23.66 -0.50
N GLU A 634 48.97 22.62 -1.29
CA GLU A 634 48.66 22.61 -2.70
C GLU A 634 47.20 22.97 -2.90
N VAL A 635 46.91 24.14 -3.43
CA VAL A 635 45.53 24.43 -3.83
C VAL A 635 45.42 24.64 -5.34
N GLU A 636 44.33 24.15 -5.92
CA GLU A 636 44.19 24.17 -7.36
C GLU A 636 42.72 24.30 -7.72
N VAL A 637 42.42 25.16 -8.69
CA VAL A 637 41.07 25.31 -9.23
C VAL A 637 40.96 24.58 -10.55
N CYS A 638 40.09 23.57 -10.58
CA CYS A 638 39.95 22.70 -11.74
C CYS A 638 38.66 22.99 -12.52
N HIS A 639 38.81 23.74 -13.63
CA HIS A 639 37.74 24.06 -14.57
C HIS A 639 37.35 22.85 -15.41
N VAL A 640 36.08 22.51 -15.45
CA VAL A 640 35.64 21.41 -16.32
C VAL A 640 34.87 21.92 -17.54
N VAL A 641 35.52 21.87 -18.70
CA VAL A 641 34.91 22.25 -19.96
C VAL A 641 34.05 21.12 -20.53
N ALA A 642 32.89 21.50 -21.08
CA ALA A 642 31.97 20.57 -21.73
C ALA A 642 32.39 20.25 -23.16
N VAL A 643 32.07 19.04 -23.61
CA VAL A 643 32.36 18.59 -24.98
C VAL A 643 31.16 17.82 -25.54
N THR B 13 -28.76 -58.21 2.65
CA THR B 13 -29.82 -57.55 3.49
C THR B 13 -29.66 -56.02 3.58
N GLY B 14 -28.57 -55.51 3.00
CA GLY B 14 -28.25 -54.07 3.04
C GLY B 14 -29.26 -53.16 2.38
N HIS B 15 -29.28 -51.91 2.82
CA HIS B 15 -30.12 -50.88 2.20
C HIS B 15 -29.67 -50.54 0.77
N PRO B 16 -30.62 -50.21 -0.12
CA PRO B 16 -30.18 -49.73 -1.42
C PRO B 16 -29.28 -48.49 -1.25
N TYR B 17 -28.45 -48.20 -2.26
CA TYR B 17 -27.43 -47.17 -2.15
C TYR B 17 -27.97 -45.81 -1.69
N TYR B 18 -29.07 -45.35 -2.29
CA TYR B 18 -29.59 -44.01 -2.04
C TYR B 18 -30.04 -43.83 -0.60
N LEU B 19 -30.38 -44.94 0.04
CA LEU B 19 -30.75 -44.88 1.43
C LEU B 19 -29.51 -44.79 2.30
N ARG B 20 -28.57 -45.74 2.15
CA ARG B 20 -27.39 -45.74 3.01
C ARG B 20 -26.81 -44.36 3.00
N SER B 21 -26.65 -43.80 1.80
CA SER B 21 -26.04 -42.50 1.63
C SER B 21 -26.75 -41.44 2.44
N PHE B 22 -28.06 -41.39 2.28
CA PHE B 22 -28.87 -40.43 2.99
C PHE B 22 -28.65 -40.59 4.50
N LEU B 23 -28.66 -41.82 4.98
CA LEU B 23 -28.48 -42.04 6.40
C LEU B 23 -27.11 -41.59 6.86
N VAL B 24 -26.08 -41.89 6.08
CA VAL B 24 -24.75 -41.45 6.46
C VAL B 24 -24.73 -39.93 6.63
N VAL B 25 -25.34 -39.21 5.69
CA VAL B 25 -25.43 -37.76 5.77
C VAL B 25 -26.11 -37.34 7.06
N LEU B 26 -27.26 -37.93 7.35
CA LEU B 26 -27.98 -37.60 8.56
C LEU B 26 -27.09 -37.75 9.78
N LYS B 27 -26.46 -38.92 9.92
CA LYS B 27 -25.65 -39.23 11.10
C LYS B 27 -24.49 -38.25 11.22
N THR B 28 -23.77 -38.09 10.11
CA THR B 28 -22.58 -37.27 10.06
C THR B 28 -22.85 -35.89 10.63
N VAL B 29 -23.96 -35.29 10.21
CA VAL B 29 -24.24 -33.93 10.59
C VAL B 29 -24.71 -33.86 12.01
N LEU B 30 -25.65 -34.72 12.39
CA LEU B 30 -26.37 -34.55 13.66
C LEU B 30 -25.60 -34.94 14.91
N GLU B 31 -24.56 -35.77 14.75
CA GLU B 31 -23.75 -36.17 15.90
C GLU B 31 -22.85 -35.04 16.42
N ASN B 32 -23.01 -33.84 15.87
CA ASN B 32 -22.31 -32.65 16.36
C ASN B 32 -23.32 -31.80 17.09
N GLU B 33 -23.09 -31.63 18.39
CA GLU B 33 -23.90 -30.75 19.23
C GLU B 33 -23.96 -29.32 18.69
N ASP B 34 -22.81 -28.73 18.36
CA ASP B 34 -22.74 -27.46 17.64
C ASP B 34 -23.88 -27.39 16.63
N ASP B 35 -23.89 -28.36 15.73
CA ASP B 35 -24.73 -28.32 14.55
C ASP B 35 -26.20 -28.47 14.87
N MET B 36 -26.49 -29.25 15.91
CA MET B 36 -27.88 -29.43 16.36
C MET B 36 -28.57 -28.16 16.85
N LEU B 37 -27.84 -27.30 17.56
CA LEU B 37 -28.30 -25.96 17.92
C LEU B 37 -28.87 -25.14 16.75
N LEU B 38 -28.67 -25.64 15.52
CA LEU B 38 -29.05 -24.92 14.31
C LEU B 38 -30.37 -25.41 13.74
N PHE B 39 -31.04 -26.21 14.56
CA PHE B 39 -32.35 -26.75 14.23
C PHE B 39 -33.25 -26.70 15.46
N ASP B 40 -34.47 -26.18 15.30
CA ASP B 40 -35.34 -26.01 16.45
C ASP B 40 -36.07 -27.29 16.79
N GLU B 41 -36.72 -27.26 17.97
CA GLU B 41 -37.70 -28.26 18.42
C GLU B 41 -38.38 -28.94 17.24
N GLN B 42 -39.22 -28.15 16.59
CA GLN B 42 -40.09 -28.62 15.54
C GLN B 42 -39.32 -29.44 14.51
N GLU B 43 -38.21 -28.87 14.03
CA GLU B 43 -37.37 -29.50 13.00
C GLU B 43 -36.79 -30.84 13.44
N LYS B 44 -36.14 -30.89 14.60
CA LYS B 44 -35.63 -32.16 15.11
C LYS B 44 -36.76 -33.19 15.20
N GLY B 45 -37.97 -32.72 15.51
CA GLY B 45 -39.13 -33.59 15.59
C GLY B 45 -39.27 -34.40 14.31
N ILE B 46 -39.18 -33.71 13.20
CA ILE B 46 -39.25 -34.30 11.88
C ILE B 46 -38.15 -35.36 11.63
N VAL B 47 -36.92 -35.05 12.04
CA VAL B 47 -35.82 -35.98 11.84
C VAL B 47 -36.08 -37.30 12.55
N THR B 48 -36.61 -37.21 13.77
CA THR B 48 -37.01 -38.39 14.54
C THR B 48 -38.08 -39.15 13.77
N LYS B 49 -39.10 -38.43 13.31
CA LYS B 49 -40.16 -39.02 12.52
C LYS B 49 -39.60 -39.86 11.39
N PHE B 50 -38.57 -39.36 10.73
CA PHE B 50 -37.98 -40.11 9.61
C PHE B 50 -37.44 -41.47 10.08
N TYR B 51 -36.82 -41.48 11.25
CA TYR B 51 -36.19 -42.69 11.75
C TYR B 51 -37.24 -43.66 12.17
N GLN B 52 -38.40 -43.14 12.52
CA GLN B 52 -39.52 -43.98 12.85
C GLN B 52 -40.21 -44.67 11.66
N LEU B 53 -40.09 -44.11 10.46
CA LEU B 53 -40.65 -44.75 9.28
C LEU B 53 -40.08 -46.14 9.12
N SER B 54 -40.84 -47.01 8.46
CA SER B 54 -40.36 -48.33 8.06
C SER B 54 -39.29 -48.17 6.98
N ALA B 55 -38.52 -49.24 6.77
CA ALA B 55 -37.51 -49.25 5.71
C ALA B 55 -38.16 -48.79 4.42
N THR B 56 -39.24 -49.47 4.07
CA THR B 56 -39.98 -49.21 2.86
C THR B 56 -40.46 -47.77 2.81
N GLY B 57 -40.80 -47.21 3.96
CA GLY B 57 -41.25 -45.82 4.02
C GLY B 57 -40.11 -44.87 3.75
N GLN B 58 -38.92 -45.30 4.16
CA GLN B 58 -37.70 -44.52 4.00
C GLN B 58 -37.25 -44.56 2.56
N LYS B 59 -36.95 -45.76 2.05
CA LYS B 59 -36.54 -45.93 0.65
C LYS B 59 -37.37 -45.03 -0.27
N LEU B 60 -38.69 -45.06 -0.10
CA LEU B 60 -39.55 -44.25 -0.92
C LEU B 60 -39.39 -42.76 -0.65
N TYR B 61 -39.43 -42.34 0.61
CA TYR B 61 -39.29 -40.90 0.85
C TYR B 61 -38.04 -40.35 0.15
N VAL B 62 -36.94 -41.11 0.23
CA VAL B 62 -35.68 -40.67 -0.35
C VAL B 62 -35.78 -40.59 -1.87
N ARG B 63 -36.36 -41.61 -2.49
CA ARG B 63 -36.60 -41.61 -3.95
C ARG B 63 -37.25 -40.32 -4.40
N LEU B 64 -38.34 -39.95 -3.75
CA LEU B 64 -39.11 -38.79 -4.14
C LEU B 64 -38.47 -37.47 -3.70
N PHE B 65 -37.61 -37.55 -2.69
CA PHE B 65 -36.83 -36.40 -2.26
C PHE B 65 -35.77 -36.11 -3.33
N GLN B 66 -35.20 -37.19 -3.86
CA GLN B 66 -34.18 -37.14 -4.91
C GLN B 66 -34.73 -36.74 -6.27
N ARG B 67 -36.06 -36.66 -6.40
CA ARG B 67 -36.71 -36.27 -7.65
C ARG B 67 -37.03 -34.81 -7.57
N LYS B 68 -37.58 -34.25 -8.65
CA LYS B 68 -37.93 -32.84 -8.70
C LYS B 68 -39.13 -32.59 -7.83
N LEU B 69 -39.21 -31.40 -7.25
CA LEU B 69 -40.29 -31.06 -6.35
C LEU B 69 -41.54 -30.60 -7.11
N SER B 70 -42.50 -31.50 -7.27
CA SER B 70 -43.90 -31.20 -7.69
C SER B 70 -44.82 -32.44 -7.69
N TRP B 71 -46.08 -32.28 -8.08
CA TRP B 71 -47.03 -33.41 -8.08
C TRP B 71 -46.63 -34.49 -9.08
N ILE B 72 -47.09 -35.70 -8.83
CA ILE B 72 -46.74 -36.86 -9.65
C ILE B 72 -47.93 -37.81 -9.69
N LYS B 73 -48.28 -38.26 -10.88
CA LYS B 73 -49.33 -39.25 -11.03
C LYS B 73 -48.92 -40.55 -10.35
N MET B 74 -49.82 -41.10 -9.54
CA MET B 74 -49.59 -42.37 -8.82
C MET B 74 -49.35 -43.52 -9.79
N THR B 75 -49.67 -43.28 -11.06
CA THR B 75 -49.46 -44.27 -12.11
C THR B 75 -48.01 -44.27 -12.58
N LYS B 76 -47.32 -43.16 -12.35
CA LYS B 76 -45.90 -43.00 -12.73
C LYS B 76 -44.94 -43.35 -11.59
N LEU B 77 -45.41 -44.15 -10.62
CA LEU B 77 -44.60 -44.49 -9.45
C LEU B 77 -44.32 -45.97 -9.38
N GLU B 78 -43.18 -46.39 -9.91
CA GLU B 78 -42.82 -47.79 -9.83
C GLU B 78 -41.43 -47.96 -9.19
N TYR B 79 -41.40 -48.71 -8.10
CA TYR B 79 -40.15 -49.12 -7.49
C TYR B 79 -40.37 -50.51 -6.93
N GLU B 80 -40.16 -51.53 -7.76
CA GLU B 80 -40.32 -52.93 -7.36
C GLU B 80 -39.43 -53.33 -6.16
N GLU B 81 -38.19 -52.84 -6.16
CA GLU B 81 -37.25 -53.14 -5.06
C GLU B 81 -37.78 -52.67 -3.70
N ILE B 82 -38.48 -51.53 -3.70
CA ILE B 82 -39.12 -50.99 -2.50
C ILE B 82 -40.29 -51.89 -2.10
N ALA B 83 -41.35 -51.86 -2.92
CA ALA B 83 -42.57 -52.61 -2.67
C ALA B 83 -43.37 -52.76 -3.97
N LEU B 84 -44.08 -53.89 -4.10
CA LEU B 84 -44.77 -54.25 -5.34
C LEU B 84 -46.02 -53.40 -5.59
N ASP B 85 -46.70 -53.02 -4.51
CA ASP B 85 -47.76 -52.01 -4.56
C ASP B 85 -47.52 -51.02 -3.44
N LEU B 86 -47.46 -49.74 -3.79
CA LEU B 86 -46.96 -48.74 -2.87
C LEU B 86 -48.01 -48.12 -1.95
N THR B 87 -49.27 -48.47 -2.14
CA THR B 87 -50.37 -47.78 -1.45
C THR B 87 -50.14 -47.66 0.07
N PRO B 88 -49.83 -48.79 0.75
CA PRO B 88 -49.54 -48.73 2.18
C PRO B 88 -48.44 -47.71 2.50
N VAL B 89 -47.33 -47.81 1.77
CA VAL B 89 -46.15 -47.02 1.99
C VAL B 89 -46.45 -45.55 1.84
N ILE B 90 -47.22 -45.21 0.82
CA ILE B 90 -47.66 -43.84 0.61
C ILE B 90 -48.50 -43.38 1.80
N GLU B 91 -49.41 -44.24 2.25
CA GLU B 91 -50.30 -43.87 3.36
C GLU B 91 -49.49 -43.46 4.58
N GLU B 92 -48.49 -44.29 4.89
CA GLU B 92 -47.54 -44.05 5.97
C GLU B 92 -46.88 -42.67 5.87
N LEU B 93 -46.38 -42.36 4.68
CA LEU B 93 -45.65 -41.13 4.48
C LEU B 93 -46.58 -39.95 4.59
N THR B 94 -47.85 -40.21 4.26
CA THR B 94 -48.92 -39.21 4.36
C THR B 94 -49.33 -39.00 5.81
N ASN B 95 -49.40 -40.09 6.58
CA ASN B 95 -49.65 -40.00 8.01
C ASN B 95 -48.57 -39.22 8.75
N ALA B 96 -47.33 -39.39 8.30
CA ALA B 96 -46.17 -38.74 8.89
C ALA B 96 -46.07 -37.25 8.52
N GLY B 97 -46.74 -36.84 7.46
CA GLY B 97 -46.65 -35.46 7.04
C GLY B 97 -45.44 -35.24 6.16
N PHE B 98 -44.96 -36.32 5.56
CA PHE B 98 -43.86 -36.27 4.58
C PHE B 98 -44.39 -36.11 3.16
N LEU B 99 -45.59 -36.64 2.94
CA LEU B 99 -46.24 -36.68 1.64
C LEU B 99 -47.66 -36.16 1.77
N GLN B 100 -48.14 -35.47 0.74
CA GLN B 100 -49.53 -35.06 0.65
C GLN B 100 -50.20 -35.63 -0.58
N THR B 101 -51.48 -35.97 -0.46
CA THR B 101 -52.27 -36.55 -1.56
C THR B 101 -53.05 -35.48 -2.33
N GLU B 102 -53.69 -35.91 -3.41
CA GLU B 102 -54.49 -35.04 -4.29
C GLU B 102 -55.49 -34.13 -3.56
N SER B 103 -56.01 -34.62 -2.43
CA SER B 103 -56.96 -33.86 -1.61
C SER B 103 -56.42 -32.52 -1.10
N GLU B 104 -55.09 -32.36 -1.09
CA GLU B 104 -54.49 -31.09 -0.68
C GLU B 104 -54.07 -30.25 -1.89
N LEU B 105 -54.37 -30.78 -3.07
CA LEU B 105 -54.16 -30.09 -4.33
C LEU B 105 -55.26 -29.04 -4.59
N GLN B 106 -54.95 -27.78 -4.31
CA GLN B 106 -55.94 -26.70 -4.35
C GLN B 106 -55.61 -25.63 -5.38
N GLU B 107 -54.34 -25.22 -5.46
CA GLU B 107 -53.89 -24.20 -6.42
C GLU B 107 -54.04 -24.70 -7.86
N LEU B 108 -54.59 -23.87 -8.74
CA LEU B 108 -54.99 -24.31 -10.09
C LEU B 108 -53.82 -24.63 -11.03
N SER B 109 -52.90 -23.69 -11.18
CA SER B 109 -51.74 -23.86 -12.07
C SER B 109 -51.00 -25.17 -11.82
N GLU B 110 -51.12 -25.69 -10.59
CA GLU B 110 -50.55 -26.97 -10.22
C GLU B 110 -51.33 -28.13 -10.85
N VAL B 111 -52.65 -28.07 -10.77
CA VAL B 111 -53.52 -29.14 -11.30
C VAL B 111 -53.28 -29.31 -12.78
N LEU B 112 -53.24 -28.16 -13.45
CA LEU B 112 -53.06 -28.12 -14.89
C LEU B 112 -51.68 -28.64 -15.24
N GLU B 113 -50.66 -28.03 -14.68
CA GLU B 113 -49.28 -28.41 -14.92
C GLU B 113 -49.08 -29.94 -14.83
N LEU B 114 -49.68 -30.55 -13.81
CA LEU B 114 -49.66 -32.00 -13.65
C LEU B 114 -50.19 -32.74 -14.88
N LEU B 115 -51.26 -32.22 -15.48
CA LEU B 115 -51.89 -32.83 -16.64
C LEU B 115 -51.04 -32.68 -17.88
N SER B 116 -51.10 -33.68 -18.77
CA SER B 116 -50.38 -33.65 -20.05
C SER B 116 -51.16 -32.89 -21.13
N ALA B 117 -50.51 -32.63 -22.28
CA ALA B 117 -51.16 -31.94 -23.40
C ALA B 117 -52.38 -32.68 -23.98
N PRO B 118 -52.27 -34.01 -24.21
CA PRO B 118 -53.47 -34.78 -24.62
C PRO B 118 -54.62 -34.66 -23.61
N GLU B 119 -54.28 -34.63 -22.33
CA GLU B 119 -55.25 -34.40 -21.27
C GLU B 119 -55.78 -32.96 -21.29
N LEU B 120 -54.91 -32.01 -21.64
CA LEU B 120 -55.29 -30.60 -21.74
C LEU B 120 -56.25 -30.33 -22.90
N LYS B 121 -56.08 -31.08 -23.98
CA LYS B 121 -56.95 -31.00 -25.14
C LYS B 121 -58.35 -31.53 -24.83
N SER B 122 -58.43 -32.69 -24.18
CA SER B 122 -59.71 -33.24 -23.72
C SER B 122 -60.46 -32.29 -22.79
N LEU B 123 -59.69 -31.45 -22.08
CA LEU B 123 -60.24 -30.45 -21.17
C LEU B 123 -60.44 -29.09 -21.86
N ALA B 124 -59.85 -28.93 -23.04
CA ALA B 124 -60.11 -27.76 -23.89
C ALA B 124 -61.35 -27.95 -24.77
N LYS B 125 -61.84 -29.19 -24.81
CA LYS B 125 -62.98 -29.59 -25.64
C LYS B 125 -64.31 -29.64 -24.90
N THR B 126 -64.34 -30.35 -23.77
CA THR B 126 -65.55 -30.42 -22.93
C THR B 126 -65.96 -29.06 -22.37
N PHE B 127 -64.99 -28.16 -22.26
CA PHE B 127 -65.26 -26.74 -21.95
C PHE B 127 -65.34 -25.94 -23.25
N HIS B 128 -66.53 -25.38 -23.49
CA HIS B 128 -66.88 -24.78 -24.78
C HIS B 128 -66.16 -23.47 -25.08
N LEU B 129 -66.03 -22.61 -24.07
CA LEU B 129 -65.36 -21.31 -24.21
C LEU B 129 -63.85 -21.43 -24.45
N ALA B 130 -63.40 -22.64 -24.80
CA ALA B 130 -61.98 -22.93 -24.96
C ALA B 130 -61.63 -23.50 -26.34
N ASN B 131 -60.59 -22.93 -26.95
CA ASN B 131 -59.99 -23.39 -28.19
C ASN B 131 -59.20 -24.72 -28.01
N PRO B 132 -59.69 -25.82 -28.62
CA PRO B 132 -59.13 -27.19 -28.42
C PRO B 132 -57.68 -27.42 -28.88
N ASN B 133 -57.18 -26.62 -29.80
CA ASN B 133 -55.84 -26.86 -30.38
C ASN B 133 -54.80 -25.82 -30.01
N GLY B 134 -53.55 -26.25 -29.90
CA GLY B 134 -52.43 -25.38 -29.51
C GLY B 134 -51.45 -26.08 -28.57
N GLN B 135 -50.39 -25.38 -28.19
CA GLN B 135 -49.37 -25.93 -27.28
C GLN B 135 -49.88 -26.04 -25.84
N LYS B 136 -49.25 -26.93 -25.07
CA LYS B 136 -49.57 -27.11 -23.65
C LYS B 136 -49.53 -25.77 -22.91
N GLN B 137 -48.44 -25.02 -23.11
CA GLN B 137 -48.26 -23.72 -22.47
C GLN B 137 -49.43 -22.79 -22.79
N GLN B 138 -49.88 -22.79 -24.04
CA GLN B 138 -51.00 -21.94 -24.47
C GLN B 138 -52.25 -22.25 -23.67
N LEU B 139 -52.69 -23.51 -23.73
CA LEU B 139 -53.88 -23.97 -23.02
C LEU B 139 -53.81 -23.66 -21.52
N VAL B 140 -52.60 -23.51 -20.99
CA VAL B 140 -52.39 -23.17 -19.58
C VAL B 140 -52.78 -21.71 -19.27
N ASP B 141 -52.14 -20.76 -19.95
CA ASP B 141 -52.39 -19.34 -19.72
C ASP B 141 -53.83 -18.95 -20.05
N ALA B 142 -54.45 -19.74 -20.92
CA ALA B 142 -55.86 -19.58 -21.28
C ALA B 142 -56.77 -19.98 -20.14
N PHE B 143 -56.65 -21.24 -19.69
CA PHE B 143 -57.44 -21.75 -18.58
C PHE B 143 -57.25 -20.93 -17.30
N LEU B 144 -56.05 -20.33 -17.17
CA LEU B 144 -55.70 -19.47 -16.02
C LEU B 144 -56.42 -18.11 -16.06
N LYS B 145 -56.40 -17.48 -17.24
CA LYS B 145 -57.07 -16.20 -17.46
C LYS B 145 -58.60 -16.37 -17.35
N LEU B 146 -59.09 -17.55 -17.78
CA LEU B 146 -60.51 -17.91 -17.73
C LEU B 146 -61.08 -17.99 -16.30
N ALA B 147 -60.27 -18.49 -15.38
CA ALA B 147 -60.71 -18.67 -14.00
C ALA B 147 -60.52 -17.40 -13.15
N LYS B 148 -59.64 -16.50 -13.59
CA LYS B 148 -59.31 -15.29 -12.83
C LYS B 148 -60.41 -14.21 -12.88
N GLN B 149 -61.33 -14.33 -13.85
CA GLN B 149 -62.43 -13.38 -14.00
C GLN B 149 -63.76 -13.94 -13.51
N ARG B 150 -64.23 -15.03 -14.14
CA ARG B 150 -65.42 -15.75 -13.70
C ARG B 150 -64.98 -16.91 -12.80
N SER B 151 -64.69 -16.56 -11.55
CA SER B 151 -64.12 -17.51 -10.58
C SER B 151 -64.95 -18.79 -10.38
N VAL B 152 -66.27 -18.64 -10.35
CA VAL B 152 -67.20 -19.73 -10.04
C VAL B 152 -67.18 -20.90 -11.06
N ILE B 153 -67.01 -20.55 -12.34
CA ILE B 153 -66.91 -21.57 -13.39
C ILE B 153 -65.50 -22.20 -13.42
N GLY B 154 -64.51 -21.43 -12.95
CA GLY B 154 -63.14 -21.91 -12.76
C GLY B 154 -63.03 -22.99 -11.71
N ALA B 155 -63.96 -22.96 -10.74
CA ALA B 155 -64.01 -23.94 -9.65
C ALA B 155 -64.37 -25.34 -10.13
N VAL B 156 -65.17 -25.42 -11.20
CA VAL B 156 -65.59 -26.72 -11.75
C VAL B 156 -64.60 -27.22 -12.82
N ILE B 157 -63.74 -26.32 -13.30
CA ILE B 157 -62.60 -26.69 -14.13
C ILE B 157 -61.63 -27.52 -13.28
N LEU B 158 -61.07 -26.86 -12.27
CA LEU B 158 -60.25 -27.47 -11.22
C LEU B 158 -60.84 -28.79 -10.73
N LYS B 159 -62.17 -28.83 -10.68
CA LYS B 159 -62.91 -30.02 -10.25
C LYS B 159 -62.64 -31.23 -11.16
N ARG B 160 -62.82 -31.05 -12.47
CA ARG B 160 -62.62 -32.15 -13.42
C ARG B 160 -61.14 -32.37 -13.71
N ALA B 161 -60.39 -31.27 -13.72
CA ALA B 161 -58.95 -31.32 -13.94
C ALA B 161 -58.30 -32.28 -12.95
N LYS B 162 -58.64 -32.12 -11.67
CA LYS B 162 -58.22 -33.04 -10.61
C LYS B 162 -58.72 -34.47 -10.87
N ALA B 163 -60.03 -34.62 -11.06
CA ALA B 163 -60.66 -35.93 -11.26
C ALA B 163 -60.07 -36.68 -12.45
N LEU B 164 -59.78 -35.94 -13.52
CA LEU B 164 -59.20 -36.50 -14.73
C LEU B 164 -57.81 -37.05 -14.45
N ALA B 165 -56.91 -36.17 -14.00
CA ALA B 165 -55.52 -36.50 -13.68
C ALA B 165 -55.35 -37.80 -12.89
N GLY B 166 -56.28 -38.05 -11.97
CA GLY B 166 -56.24 -39.25 -11.13
C GLY B 166 -55.52 -38.98 -9.81
N GLN B 167 -55.04 -40.06 -9.20
CA GLN B 167 -54.38 -39.98 -7.90
C GLN B 167 -52.97 -39.43 -8.01
N SER B 168 -52.64 -38.50 -7.12
CA SER B 168 -51.37 -37.78 -7.20
C SER B 168 -50.79 -37.42 -5.85
N VAL B 169 -49.46 -37.51 -5.77
CA VAL B 169 -48.73 -37.25 -4.54
C VAL B 169 -47.72 -36.14 -4.73
N ARG B 170 -47.35 -35.50 -3.63
CA ARG B 170 -46.31 -34.49 -3.63
C ARG B 170 -45.48 -34.57 -2.36
N ILE B 171 -44.16 -34.33 -2.48
CA ILE B 171 -43.34 -34.21 -1.29
C ILE B 171 -43.82 -32.97 -0.51
N CYS B 172 -43.82 -33.06 0.81
CA CYS B 172 -44.24 -31.94 1.62
C CYS B 172 -43.09 -30.98 1.78
N LYS B 173 -43.31 -29.72 1.38
CA LYS B 173 -42.26 -28.70 1.43
C LYS B 173 -41.74 -28.38 2.84
N GLY B 174 -42.51 -28.73 3.87
CA GLY B 174 -42.06 -28.55 5.25
C GLY B 174 -40.79 -29.33 5.55
N PRO B 175 -40.91 -30.65 5.73
CA PRO B 175 -39.77 -31.51 6.01
C PRO B 175 -38.69 -31.45 4.96
N ARG B 176 -39.07 -31.44 3.69
CA ARG B 176 -38.11 -31.25 2.61
C ARG B 176 -37.11 -30.15 2.95
N ALA B 177 -37.61 -29.01 3.41
CA ALA B 177 -36.76 -27.85 3.71
C ALA B 177 -35.72 -28.16 4.78
N VAL B 178 -36.03 -29.12 5.64
CA VAL B 178 -35.16 -29.48 6.76
C VAL B 178 -34.04 -30.37 6.25
N PHE B 179 -34.40 -31.45 5.55
CA PHE B 179 -33.40 -32.36 5.01
C PHE B 179 -32.39 -31.67 4.08
N SER B 180 -32.86 -30.60 3.43
CA SER B 180 -31.98 -29.84 2.56
C SER B 180 -30.96 -29.13 3.40
N ARG B 181 -31.42 -28.40 4.41
CA ARG B 181 -30.52 -27.60 5.21
C ARG B 181 -29.47 -28.51 5.83
N ILE B 182 -29.89 -29.74 6.14
CA ILE B 182 -28.97 -30.78 6.64
C ILE B 182 -27.95 -31.16 5.58
N LEU B 183 -28.44 -31.51 4.39
CA LEU B 183 -27.60 -31.85 3.27
C LEU B 183 -26.67 -30.68 2.90
N LEU B 184 -27.15 -29.44 3.04
CA LEU B 184 -26.33 -28.24 2.82
C LEU B 184 -25.17 -28.21 3.80
N LEU B 185 -25.45 -28.50 5.07
CA LEU B 185 -24.42 -28.52 6.10
C LEU B 185 -23.40 -29.60 5.83
N PHE B 186 -23.86 -30.77 5.42
CA PHE B 186 -22.97 -31.89 5.10
C PHE B 186 -22.11 -31.56 3.92
N SER B 187 -22.69 -30.81 2.99
CA SER B 187 -22.09 -30.47 1.71
C SER B 187 -20.77 -29.69 1.78
N LEU B 188 -20.46 -29.14 2.95
CA LEU B 188 -19.39 -28.17 3.05
C LEU B 188 -18.03 -28.87 3.02
N THR B 189 -17.97 -30.04 3.62
CA THR B 189 -16.75 -30.83 3.79
C THR B 189 -16.34 -31.62 2.54
N ASP B 190 -17.26 -31.75 1.57
CA ASP B 190 -16.98 -32.51 0.37
C ASP B 190 -17.71 -31.87 -0.79
N SER B 191 -18.82 -32.51 -1.18
CA SER B 191 -19.83 -32.07 -2.17
C SER B 191 -19.71 -30.63 -2.73
N MET B 192 -19.51 -29.64 -1.85
CA MET B 192 -19.39 -28.27 -2.30
C MET B 192 -17.93 -27.87 -2.55
N GLU B 193 -17.06 -28.16 -1.58
CA GLU B 193 -15.69 -27.67 -1.69
C GLU B 193 -14.72 -28.52 -2.55
N ASP B 194 -15.20 -29.64 -3.09
CA ASP B 194 -14.50 -30.29 -4.20
C ASP B 194 -15.14 -29.87 -5.54
N GLU B 195 -15.05 -28.56 -5.80
CA GLU B 195 -15.67 -27.85 -6.94
C GLU B 195 -17.22 -27.88 -6.96
N ASP B 196 -17.82 -26.97 -7.72
CA ASP B 196 -19.27 -26.74 -7.69
C ASP B 196 -20.09 -27.35 -8.84
N ALA B 197 -20.88 -28.35 -8.47
CA ALA B 197 -21.88 -28.98 -9.33
C ALA B 197 -23.25 -28.30 -9.18
N ALA B 198 -24.22 -28.75 -9.95
CA ALA B 198 -25.53 -28.08 -10.05
C ALA B 198 -26.31 -27.98 -8.74
N CYS B 199 -26.27 -29.06 -7.94
CA CYS B 199 -27.22 -29.26 -6.84
C CYS B 199 -28.64 -29.27 -7.40
N GLY B 200 -28.95 -30.33 -8.15
CA GLY B 200 -30.25 -30.46 -8.81
C GLY B 200 -31.31 -31.14 -7.95
N GLY B 201 -32.53 -31.19 -8.47
CA GLY B 201 -33.68 -31.79 -7.78
C GLY B 201 -34.34 -30.86 -6.77
N GLN B 202 -33.73 -29.68 -6.60
CA GLN B 202 -34.02 -28.64 -5.57
C GLN B 202 -32.81 -28.40 -4.66
N GLY B 203 -31.91 -29.38 -4.59
CA GLY B 203 -30.68 -29.31 -3.78
C GLY B 203 -30.27 -30.68 -3.28
N GLN B 204 -29.18 -31.23 -3.85
CA GLN B 204 -28.69 -32.59 -3.53
C GLN B 204 -27.14 -32.74 -3.47
N LEU B 205 -26.68 -33.97 -3.28
CA LEU B 205 -25.25 -34.34 -3.27
C LEU B 205 -24.65 -34.32 -4.68
N SER B 206 -23.41 -34.79 -4.82
CA SER B 206 -22.89 -35.15 -6.13
C SER B 206 -23.23 -36.61 -6.39
N THR B 207 -23.41 -36.95 -7.67
CA THR B 207 -23.75 -38.31 -8.10
C THR B 207 -22.84 -39.33 -7.44
N VAL B 208 -21.53 -39.11 -7.57
CA VAL B 208 -20.51 -39.93 -6.93
C VAL B 208 -20.91 -40.29 -5.49
N LEU B 209 -21.17 -39.26 -4.70
CA LEU B 209 -21.47 -39.40 -3.29
C LEU B 209 -22.79 -40.13 -3.04
N LEU B 210 -23.86 -39.71 -3.71
CA LEU B 210 -25.14 -40.39 -3.56
C LEU B 210 -25.05 -41.87 -3.91
N VAL B 211 -24.29 -42.21 -4.95
CA VAL B 211 -24.15 -43.62 -5.35
C VAL B 211 -23.27 -44.40 -4.35
N ASN B 212 -22.17 -43.81 -3.91
CA ASN B 212 -21.12 -44.58 -3.29
C ASN B 212 -20.90 -44.34 -1.81
N LEU B 213 -21.43 -43.23 -1.28
CA LEU B 213 -21.11 -42.78 0.09
C LEU B 213 -21.33 -43.86 1.15
N GLY B 214 -22.23 -44.78 0.87
CA GLY B 214 -22.39 -45.94 1.72
C GLY B 214 -21.15 -46.81 1.75
N ARG B 215 -20.66 -47.18 0.56
CA ARG B 215 -19.50 -48.09 0.39
C ARG B 215 -18.17 -47.46 0.80
N MET B 216 -17.99 -46.18 0.46
CA MET B 216 -16.75 -45.43 0.62
C MET B 216 -16.05 -45.59 1.96
N GLU B 217 -14.74 -45.81 1.91
CA GLU B 217 -13.89 -45.72 3.10
C GLU B 217 -13.02 -44.45 3.00
N PHE B 218 -12.87 -43.74 4.12
CA PHE B 218 -12.11 -42.50 4.15
C PHE B 218 -10.74 -42.62 4.80
N PRO B 219 -9.82 -41.68 4.49
CA PRO B 219 -8.53 -41.64 5.16
C PRO B 219 -8.79 -41.48 6.63
N SER B 220 -8.00 -42.14 7.48
CA SER B 220 -8.23 -41.96 8.89
C SER B 220 -7.49 -40.74 9.40
N TYR B 221 -8.15 -39.96 10.25
CA TYR B 221 -7.65 -38.71 10.75
C TYR B 221 -8.46 -38.38 11.97
N THR B 222 -7.97 -37.48 12.81
CA THR B 222 -8.71 -37.15 14.02
C THR B 222 -9.51 -35.87 13.86
N ILE B 223 -10.80 -36.00 14.10
CA ILE B 223 -11.69 -34.86 14.11
C ILE B 223 -11.25 -33.93 15.22
N ASN B 224 -11.16 -32.65 14.91
CA ASN B 224 -10.71 -31.68 15.87
C ASN B 224 -11.17 -30.34 15.45
N ARG B 225 -12.26 -29.89 16.04
CA ARG B 225 -12.76 -28.55 15.77
C ARG B 225 -12.87 -27.74 17.04
N LYS B 226 -12.67 -26.44 16.92
CA LYS B 226 -12.70 -25.56 18.08
C LYS B 226 -13.32 -24.24 17.67
N THR B 227 -14.02 -24.23 16.54
CA THR B 227 -14.49 -22.97 16.00
C THR B 227 -15.84 -23.13 15.37
N HIS B 228 -16.82 -22.40 15.90
CA HIS B 228 -18.15 -22.34 15.33
C HIS B 228 -18.07 -21.63 14.00
N ILE B 229 -18.85 -22.11 13.04
CA ILE B 229 -18.90 -21.53 11.71
C ILE B 229 -20.10 -20.60 11.65
N PHE B 230 -21.22 -21.10 12.17
CA PHE B 230 -22.46 -20.33 12.23
C PHE B 230 -22.75 -19.95 13.68
N GLN B 231 -23.26 -18.75 13.90
CA GLN B 231 -23.54 -18.32 15.27
C GLN B 231 -24.72 -19.07 15.90
N ASP B 232 -25.78 -19.27 15.11
CA ASP B 232 -27.01 -19.89 15.58
C ASP B 232 -27.80 -20.44 14.39
N ARG B 233 -28.99 -20.96 14.66
CA ARG B 233 -29.89 -21.41 13.62
C ARG B 233 -30.15 -20.32 12.58
N ASP B 234 -30.10 -19.06 13.00
CA ASP B 234 -30.38 -17.97 12.08
C ASP B 234 -29.27 -17.74 11.07
N ASP B 235 -28.04 -17.71 11.57
CA ASP B 235 -26.87 -17.62 10.72
C ASP B 235 -26.96 -18.63 9.59
N LEU B 236 -27.14 -19.90 9.95
CA LEU B 236 -27.29 -20.98 8.96
C LEU B 236 -28.51 -20.81 8.04
N ILE B 237 -29.64 -20.36 8.58
CA ILE B 237 -30.81 -20.02 7.71
C ILE B 237 -30.50 -18.91 6.69
N ARG B 238 -29.76 -17.89 7.12
CA ARG B 238 -29.34 -16.80 6.25
C ARG B 238 -28.33 -17.19 5.19
N TYR B 239 -27.40 -18.09 5.56
CA TYR B 239 -26.38 -18.65 4.63
C TYR B 239 -27.06 -19.46 3.55
N ALA B 240 -27.95 -20.37 3.98
CA ALA B 240 -28.71 -21.19 3.06
C ALA B 240 -29.45 -20.32 2.06
N ALA B 241 -30.04 -19.23 2.56
CA ALA B 241 -30.77 -18.25 1.76
C ALA B 241 -29.95 -17.71 0.57
N ALA B 242 -28.71 -17.27 0.84
CA ALA B 242 -27.81 -16.78 -0.19
C ALA B 242 -27.32 -17.92 -1.12
N THR B 243 -26.97 -19.07 -0.53
CA THR B 243 -26.74 -20.27 -1.29
C THR B 243 -27.86 -20.55 -2.30
N HIS B 244 -29.11 -20.51 -1.85
CA HIS B 244 -30.24 -20.73 -2.74
C HIS B 244 -30.26 -19.70 -3.85
N MET B 245 -29.97 -18.45 -3.50
CA MET B 245 -30.01 -17.36 -4.44
C MET B 245 -28.99 -17.55 -5.54
N LEU B 246 -27.73 -17.73 -5.13
CA LEU B 246 -26.61 -18.02 -6.05
C LEU B 246 -26.95 -19.16 -7.01
N SER B 247 -27.50 -20.23 -6.45
CA SER B 247 -27.96 -21.35 -7.23
C SER B 247 -28.92 -20.93 -8.35
N ASP B 248 -29.77 -19.94 -8.07
CA ASP B 248 -30.73 -19.46 -9.08
C ASP B 248 -30.06 -18.60 -10.16
N ILE B 249 -29.18 -17.70 -9.74
CA ILE B 249 -28.41 -16.87 -10.68
C ILE B 249 -27.54 -17.74 -11.57
N SER B 250 -26.88 -18.72 -10.98
CA SER B 250 -26.10 -19.71 -11.74
C SER B 250 -26.98 -20.35 -12.81
N SER B 251 -28.07 -20.94 -12.35
CA SER B 251 -28.98 -21.64 -13.24
C SER B 251 -29.47 -20.73 -14.38
N ALA B 252 -29.90 -19.54 -14.02
CA ALA B 252 -30.41 -18.59 -14.99
C ALA B 252 -29.40 -18.33 -16.10
N MET B 253 -28.13 -18.19 -15.74
CA MET B 253 -27.09 -17.96 -16.72
C MET B 253 -26.93 -19.19 -17.63
N ALA B 254 -26.89 -20.37 -17.02
CA ALA B 254 -26.69 -21.61 -17.75
C ALA B 254 -27.79 -21.83 -18.77
N ASN B 255 -28.93 -21.17 -18.58
CA ASN B 255 -30.06 -21.25 -19.50
C ASN B 255 -30.15 -20.07 -20.46
N GLY B 256 -29.14 -19.20 -20.37
CA GLY B 256 -29.06 -17.99 -21.19
C GLY B 256 -30.09 -16.91 -20.91
N ASN B 257 -30.77 -16.97 -19.77
CA ASN B 257 -31.75 -15.94 -19.40
C ASN B 257 -31.06 -14.79 -18.69
N TRP B 258 -30.29 -14.06 -19.48
CA TRP B 258 -29.31 -13.13 -18.94
C TRP B 258 -29.92 -11.94 -18.28
N GLU B 259 -31.18 -11.68 -18.61
CA GLU B 259 -31.86 -10.54 -18.03
C GLU B 259 -32.40 -10.92 -16.66
N GLU B 260 -33.13 -12.05 -16.59
CA GLU B 260 -33.57 -12.60 -15.34
C GLU B 260 -32.38 -12.63 -14.41
N ALA B 261 -31.27 -13.22 -14.87
CA ALA B 261 -30.04 -13.25 -14.09
C ALA B 261 -29.57 -11.85 -13.60
N LYS B 262 -29.55 -10.84 -14.48
CA LYS B 262 -29.20 -9.50 -14.04
C LYS B 262 -30.06 -8.99 -12.85
N GLU B 263 -31.38 -9.13 -12.96
CA GLU B 263 -32.30 -8.67 -11.92
C GLU B 263 -31.99 -9.36 -10.60
N LEU B 264 -32.05 -10.69 -10.62
CA LEU B 264 -31.81 -11.55 -9.47
C LEU B 264 -30.55 -11.18 -8.74
N ALA B 265 -29.53 -10.79 -9.48
CA ALA B 265 -28.29 -10.30 -8.90
C ALA B 265 -28.47 -8.94 -8.22
N GLN B 266 -29.08 -7.98 -8.93
CA GLN B 266 -29.36 -6.65 -8.37
C GLN B 266 -30.09 -6.79 -7.03
N CYS B 267 -31.06 -7.70 -7.03
CA CYS B 267 -31.79 -8.07 -5.82
C CYS B 267 -30.85 -8.56 -4.73
N ALA B 268 -29.94 -9.47 -5.09
CA ALA B 268 -28.97 -10.04 -4.13
C ALA B 268 -28.02 -8.96 -3.60
N LYS B 269 -27.53 -8.11 -4.49
CA LYS B 269 -26.64 -7.03 -4.11
C LYS B 269 -27.31 -6.15 -3.05
N ARG B 270 -28.51 -5.63 -3.37
CA ARG B 270 -29.40 -4.99 -2.41
C ARG B 270 -29.28 -5.55 -1.01
N ASP B 271 -29.70 -6.82 -0.89
CA ASP B 271 -29.80 -7.54 0.37
C ASP B 271 -28.48 -7.66 1.14
N TRP B 272 -27.38 -7.80 0.41
CA TRP B 272 -26.07 -7.93 1.05
C TRP B 272 -25.62 -6.58 1.62
N ASN B 273 -26.01 -5.49 0.96
CA ASN B 273 -25.74 -4.17 1.50
C ASN B 273 -26.58 -3.89 2.72
N ARG B 274 -27.84 -4.33 2.69
CA ARG B 274 -28.73 -4.18 3.85
C ARG B 274 -28.19 -5.02 5.00
N LEU B 275 -27.46 -6.07 4.67
CA LEU B 275 -27.00 -7.06 5.68
C LEU B 275 -25.73 -6.68 6.44
N LYS B 276 -25.01 -5.66 5.98
CA LYS B 276 -23.80 -5.17 6.68
C LYS B 276 -24.20 -4.62 8.05
N ASN B 277 -23.24 -4.58 8.99
CA ASN B 277 -23.51 -4.13 10.36
C ASN B 277 -24.15 -5.14 11.28
N HIS B 278 -24.92 -6.08 10.74
CA HIS B 278 -25.43 -7.18 11.55
C HIS B 278 -24.29 -7.75 12.41
N PRO B 279 -24.57 -7.99 13.71
CA PRO B 279 -23.53 -8.42 14.66
C PRO B 279 -22.75 -9.66 14.23
N SER B 280 -23.42 -10.59 13.55
CA SER B 280 -22.81 -11.87 13.16
C SER B 280 -21.59 -11.69 12.25
N LEU B 281 -21.63 -10.68 11.39
CA LEU B 281 -20.53 -10.46 10.43
C LEU B 281 -19.14 -10.20 11.04
N ARG B 282 -19.08 -9.72 12.27
CA ARG B 282 -17.78 -9.53 12.94
C ARG B 282 -17.15 -10.89 13.21
N CYS B 283 -17.98 -11.83 13.64
CA CYS B 283 -17.59 -13.22 13.88
C CYS B 283 -17.03 -13.89 12.63
N HIS B 284 -17.70 -13.68 11.51
CA HIS B 284 -17.27 -14.27 10.27
C HIS B 284 -15.92 -13.71 9.87
N GLU B 285 -15.76 -12.40 9.92
CA GLU B 285 -14.50 -11.76 9.52
C GLU B 285 -13.28 -12.25 10.30
N ASP B 286 -13.54 -12.84 11.46
CA ASP B 286 -12.52 -13.36 12.34
C ASP B 286 -12.14 -14.80 12.07
N LEU B 287 -13.01 -15.52 11.36
CA LEU B 287 -12.74 -16.89 11.00
C LEU B 287 -11.54 -16.94 10.06
N PRO B 288 -10.69 -17.98 10.19
CA PRO B 288 -9.66 -18.20 9.19
C PRO B 288 -10.28 -18.41 7.81
N LEU B 289 -9.56 -18.02 6.76
CA LEU B 289 -10.04 -18.11 5.39
C LEU B 289 -10.67 -19.46 5.07
N PHE B 290 -10.02 -20.56 5.44
CA PHE B 290 -10.52 -21.83 4.99
C PHE B 290 -11.84 -22.17 5.63
N LEU B 291 -12.24 -21.39 6.64
CA LEU B 291 -13.62 -21.44 7.18
C LEU B 291 -14.51 -20.26 6.76
N ARG B 292 -13.90 -19.14 6.41
CA ARG B 292 -14.66 -17.96 6.03
C ARG B 292 -15.41 -18.16 4.72
N CYS B 293 -15.08 -19.23 4.00
CA CYS B 293 -15.74 -19.53 2.73
C CYS B 293 -17.14 -20.10 2.92
N PHE B 294 -17.48 -20.47 4.15
CA PHE B 294 -18.82 -20.92 4.44
C PHE B 294 -19.59 -19.88 5.25
N THR B 295 -19.58 -18.62 4.80
CA THR B 295 -20.28 -17.53 5.50
C THR B 295 -21.10 -16.67 4.53
N VAL B 296 -22.23 -16.13 4.97
CA VAL B 296 -23.08 -15.35 4.06
C VAL B 296 -22.32 -14.36 3.20
N GLY B 297 -21.41 -13.61 3.82
CA GLY B 297 -20.66 -12.59 3.10
C GLY B 297 -19.91 -13.17 1.92
N TRP B 298 -19.28 -14.33 2.13
CA TRP B 298 -18.54 -15.01 1.09
C TRP B 298 -19.47 -15.37 -0.07
N ILE B 299 -20.57 -16.05 0.22
CA ILE B 299 -21.54 -16.38 -0.85
C ILE B 299 -22.05 -15.15 -1.60
N TYR B 300 -22.39 -14.09 -0.88
CA TYR B 300 -22.80 -12.86 -1.51
C TYR B 300 -21.71 -12.30 -2.40
N THR B 301 -20.48 -12.35 -1.91
CA THR B 301 -19.35 -11.91 -2.73
C THR B 301 -19.24 -12.77 -3.99
N ARG B 302 -19.35 -14.08 -3.84
CA ARG B 302 -19.39 -14.98 -5.00
C ARG B 302 -20.43 -14.56 -6.02
N ILE B 303 -21.62 -14.21 -5.54
CA ILE B 303 -22.71 -13.63 -6.36
C ILE B 303 -22.29 -12.32 -7.05
N LEU B 304 -21.56 -11.47 -6.35
CA LEU B 304 -21.12 -10.26 -7.00
C LEU B 304 -20.22 -10.58 -8.18
N SER B 305 -19.32 -11.55 -7.99
CA SER B 305 -18.49 -12.05 -9.10
C SER B 305 -19.31 -12.54 -10.30
N ARG B 306 -20.29 -13.41 -10.06
CA ARG B 306 -21.18 -13.82 -11.13
C ARG B 306 -21.84 -12.60 -11.78
N PHE B 307 -22.19 -11.60 -10.94
CA PHE B 307 -22.81 -10.36 -11.42
C PHE B 307 -21.92 -9.60 -12.39
N VAL B 308 -20.62 -9.54 -12.13
CA VAL B 308 -19.72 -8.99 -13.15
C VAL B 308 -19.75 -9.80 -14.44
N GLU B 309 -19.82 -11.13 -14.36
CA GLU B 309 -19.94 -11.94 -15.57
C GLU B 309 -21.22 -11.60 -16.32
N ILE B 310 -22.29 -11.31 -15.59
CA ILE B 310 -23.58 -10.98 -16.24
C ILE B 310 -23.53 -9.63 -16.96
N LEU B 311 -22.85 -8.66 -16.34
CA LEU B 311 -22.72 -7.33 -16.93
C LEU B 311 -21.96 -7.40 -18.24
N GLN B 312 -20.84 -8.10 -18.18
CA GLN B 312 -19.97 -8.29 -19.33
C GLN B 312 -20.70 -8.91 -20.51
N ARG B 313 -21.36 -10.04 -20.28
CA ARG B 313 -22.27 -10.60 -21.26
C ARG B 313 -23.13 -9.52 -21.93
N LEU B 314 -23.75 -8.66 -21.11
CA LEU B 314 -24.67 -7.62 -21.62
C LEU B 314 -23.94 -6.36 -22.09
N HIS B 315 -22.67 -6.51 -22.44
CA HIS B 315 -21.77 -5.41 -22.85
C HIS B 315 -21.88 -4.15 -21.99
N MET B 316 -22.20 -4.35 -20.71
CA MET B 316 -22.26 -3.26 -19.78
C MET B 316 -20.93 -3.20 -19.05
N TYR B 317 -19.94 -2.69 -19.77
CA TYR B 317 -18.56 -2.75 -19.31
C TYR B 317 -18.21 -1.76 -18.20
N GLU B 318 -18.69 -0.52 -18.29
CA GLU B 318 -18.47 0.50 -17.24
C GLU B 318 -18.99 0.01 -15.90
N GLU B 319 -20.18 -0.57 -15.94
CA GLU B 319 -20.85 -1.18 -14.78
C GLU B 319 -19.98 -2.27 -14.18
N ALA B 320 -19.59 -3.24 -15.03
CA ALA B 320 -18.65 -4.32 -14.69
C ALA B 320 -17.35 -3.81 -14.06
N VAL B 321 -16.81 -2.71 -14.57
CA VAL B 321 -15.64 -2.07 -13.95
C VAL B 321 -15.95 -1.52 -12.56
N ARG B 322 -17.13 -0.92 -12.42
CA ARG B 322 -17.57 -0.32 -11.17
C ARG B 322 -17.69 -1.41 -10.11
N GLU B 323 -18.30 -2.53 -10.50
CA GLU B 323 -18.43 -3.70 -9.65
C GLU B 323 -17.09 -4.33 -9.27
N LEU B 324 -16.19 -4.44 -10.25
CA LEU B 324 -14.87 -5.03 -10.04
C LEU B 324 -14.03 -4.18 -9.10
N GLU B 325 -14.15 -2.87 -9.23
CA GLU B 325 -13.42 -1.95 -8.35
C GLU B 325 -13.94 -2.04 -6.93
N SER B 326 -15.24 -2.20 -6.78
CA SER B 326 -15.83 -2.42 -5.48
C SER B 326 -15.30 -3.72 -4.83
N LEU B 327 -15.44 -4.85 -5.52
CA LEU B 327 -14.98 -6.14 -5.03
C LEU B 327 -13.54 -6.05 -4.57
N LEU B 328 -12.71 -5.44 -5.42
CA LEU B 328 -11.28 -5.35 -5.19
C LEU B 328 -10.87 -4.48 -4.02
N SER B 329 -11.76 -3.58 -3.60
CA SER B 329 -11.45 -2.63 -2.53
C SER B 329 -11.53 -3.24 -1.15
N GLN B 330 -12.10 -4.43 -1.02
CA GLN B 330 -12.13 -5.15 0.26
C GLN B 330 -11.28 -6.40 0.22
N ARG B 331 -10.67 -6.74 1.35
CA ARG B 331 -9.78 -7.90 1.43
C ARG B 331 -10.43 -9.02 2.23
N ILE B 332 -11.66 -8.80 2.71
CA ILE B 332 -12.34 -9.75 3.61
C ILE B 332 -12.73 -11.07 2.92
N TYR B 333 -13.44 -10.97 1.80
CA TYR B 333 -14.07 -12.12 1.13
C TYR B 333 -13.45 -12.51 -0.21
N CYS B 334 -13.28 -13.81 -0.42
CA CYS B 334 -12.85 -14.36 -1.69
C CYS B 334 -11.51 -13.81 -2.16
N PRO B 335 -10.54 -13.65 -1.25
CA PRO B 335 -9.24 -13.09 -1.66
C PRO B 335 -8.59 -13.90 -2.79
N ASP B 336 -8.72 -15.22 -2.75
CA ASP B 336 -8.19 -16.10 -3.79
C ASP B 336 -8.65 -15.73 -5.20
N SER B 337 -9.73 -14.96 -5.32
CA SER B 337 -10.31 -14.61 -6.64
C SER B 337 -9.79 -13.28 -7.14
N ARG B 338 -8.86 -12.69 -6.40
CA ARG B 338 -8.39 -11.37 -6.72
C ARG B 338 -7.66 -11.29 -8.06
N GLY B 339 -6.77 -12.26 -8.31
CA GLY B 339 -6.12 -12.45 -9.60
C GLY B 339 -7.18 -12.39 -10.68
N ARG B 340 -8.22 -13.21 -10.57
CA ARG B 340 -9.19 -13.23 -11.63
C ARG B 340 -9.79 -11.87 -11.86
N TRP B 341 -10.03 -11.13 -10.78
CA TRP B 341 -10.63 -9.80 -10.85
C TRP B 341 -9.69 -8.74 -11.41
N TRP B 342 -8.48 -8.64 -10.88
CA TRP B 342 -7.50 -7.69 -11.40
C TRP B 342 -7.33 -7.91 -12.90
N ASP B 343 -7.24 -9.17 -13.30
CA ASP B 343 -7.03 -9.53 -14.69
C ASP B 343 -8.20 -9.07 -15.52
N ARG B 344 -9.39 -9.35 -15.02
CA ARG B 344 -10.62 -9.01 -15.68
C ARG B 344 -10.79 -7.50 -15.76
N LEU B 345 -10.40 -6.79 -14.69
CA LEU B 345 -10.49 -5.34 -14.66
C LEU B 345 -9.59 -4.76 -15.74
N ALA B 346 -8.32 -5.15 -15.73
CA ALA B 346 -7.39 -4.70 -16.75
C ALA B 346 -7.88 -5.00 -18.18
N LEU B 347 -8.36 -6.21 -18.44
CA LEU B 347 -8.85 -6.50 -19.78
C LEU B 347 -9.97 -5.55 -20.15
N ASN B 348 -10.93 -5.34 -19.24
CA ASN B 348 -12.04 -4.39 -19.47
C ASN B 348 -11.58 -2.99 -19.80
N LEU B 349 -10.75 -2.41 -18.92
CA LEU B 349 -10.30 -1.02 -19.08
C LEU B 349 -9.57 -0.82 -20.41
N HIS B 350 -8.71 -1.78 -20.73
CA HIS B 350 -7.83 -1.67 -21.89
C HIS B 350 -8.58 -1.98 -23.18
N GLN B 351 -9.34 -3.06 -23.18
CA GLN B 351 -9.96 -3.55 -24.43
C GLN B 351 -11.31 -2.96 -24.79
N HIS B 352 -12.16 -2.78 -23.80
CA HIS B 352 -13.52 -2.34 -24.05
C HIS B 352 -13.73 -0.86 -23.81
N LEU B 353 -13.29 -0.34 -22.67
CA LEU B 353 -13.45 1.09 -22.39
C LEU B 353 -12.25 1.89 -22.92
N LYS B 354 -11.33 1.22 -23.61
CA LYS B 354 -10.18 1.89 -24.22
C LYS B 354 -9.44 2.94 -23.37
N ARG B 355 -9.44 2.79 -22.05
CA ARG B 355 -8.88 3.81 -21.19
C ARG B 355 -7.46 3.40 -20.69
N LEU B 356 -6.43 3.85 -21.40
CA LEU B 356 -5.05 3.40 -21.17
C LEU B 356 -4.40 3.81 -19.86
N GLU B 357 -4.62 5.06 -19.47
CA GLU B 357 -4.17 5.56 -18.17
C GLU B 357 -4.54 4.58 -17.01
N PRO B 358 -5.85 4.36 -16.75
CA PRO B 358 -6.23 3.45 -15.66
C PRO B 358 -5.66 2.03 -15.82
N THR B 359 -5.69 1.50 -17.05
CA THR B 359 -5.18 0.16 -17.35
C THR B 359 -3.80 -0.08 -16.71
N ILE B 360 -2.92 0.92 -16.76
CA ILE B 360 -1.64 0.80 -16.08
C ILE B 360 -1.78 0.75 -14.54
N LYS B 361 -2.41 1.76 -13.93
CA LYS B 361 -2.67 1.75 -12.47
C LYS B 361 -3.20 0.40 -12.02
N CYS B 362 -4.17 -0.10 -12.79
CA CYS B 362 -4.75 -1.37 -12.61
C CYS B 362 -3.64 -2.42 -12.58
N ILE B 363 -3.04 -2.70 -13.72
CA ILE B 363 -1.89 -3.63 -13.81
C ILE B 363 -0.89 -3.47 -12.65
N THR B 364 -0.55 -2.22 -12.29
CA THR B 364 0.52 -1.99 -11.30
C THR B 364 0.11 -2.47 -9.92
N GLU B 365 -1.13 -2.17 -9.54
CA GLU B 365 -1.65 -2.60 -8.25
C GLU B 365 -1.83 -4.11 -8.19
N GLY B 366 -2.51 -4.66 -9.20
CA GLY B 366 -2.63 -6.09 -9.36
C GLY B 366 -1.33 -6.82 -9.14
N LEU B 367 -0.24 -6.30 -9.75
CA LEU B 367 1.07 -6.94 -9.63
C LEU B 367 1.71 -6.69 -8.28
N ALA B 368 1.22 -5.68 -7.55
CA ALA B 368 1.72 -5.38 -6.21
C ALA B 368 0.97 -6.16 -5.12
N ASP B 369 -0.17 -6.76 -5.49
CA ASP B 369 -1.00 -7.54 -4.58
C ASP B 369 -0.44 -8.96 -4.46
N PRO B 370 -0.07 -9.38 -3.24
CA PRO B 370 0.52 -10.70 -3.07
C PRO B 370 -0.51 -11.84 -3.24
N GLU B 371 -1.78 -11.48 -3.29
CA GLU B 371 -2.82 -12.46 -3.53
C GLU B 371 -2.85 -12.95 -4.99
N VAL B 372 -2.24 -12.21 -5.93
CA VAL B 372 -2.29 -12.64 -7.36
C VAL B 372 -1.16 -13.57 -7.68
N ARG B 373 -1.44 -14.67 -8.40
CA ARG B 373 -0.47 -15.77 -8.54
C ARG B 373 -0.40 -16.31 -9.95
N THR B 374 0.68 -17.06 -10.21
CA THR B 374 0.80 -17.89 -11.41
C THR B 374 0.14 -17.24 -12.64
N GLY B 375 -0.84 -17.92 -13.24
CA GLY B 375 -1.49 -17.45 -14.47
C GLY B 375 -1.83 -15.96 -14.51
N HIS B 376 -2.75 -15.54 -13.65
CA HIS B 376 -3.24 -14.16 -13.65
C HIS B 376 -2.14 -13.12 -13.51
N ARG B 377 -1.19 -13.40 -12.61
CA ARG B 377 -0.04 -12.56 -12.45
C ARG B 377 0.72 -12.41 -13.79
N LEU B 378 1.01 -13.52 -14.45
CA LEU B 378 1.70 -13.49 -15.74
C LEU B 378 0.90 -12.72 -16.77
N SER B 379 -0.37 -13.05 -16.86
CA SER B 379 -1.30 -12.31 -17.70
C SER B 379 -1.22 -10.79 -17.54
N LEU B 380 -1.13 -10.31 -16.30
CA LEU B 380 -1.06 -8.86 -16.07
C LEU B 380 0.23 -8.31 -16.60
N TYR B 381 1.31 -8.97 -16.23
CA TYR B 381 2.62 -8.60 -16.72
C TYR B 381 2.64 -8.53 -18.24
N GLN B 382 2.07 -9.53 -18.89
CA GLN B 382 2.14 -9.58 -20.34
C GLN B 382 1.38 -8.44 -20.97
N ARG B 383 0.25 -8.04 -20.38
CA ARG B 383 -0.51 -6.89 -20.88
C ARG B 383 0.35 -5.66 -20.73
N ALA B 384 0.97 -5.54 -19.55
CA ALA B 384 1.91 -4.49 -19.27
C ALA B 384 3.02 -4.35 -20.32
N VAL B 385 3.59 -5.45 -20.82
CA VAL B 385 4.60 -5.30 -21.88
C VAL B 385 3.93 -4.89 -23.19
N ARG B 386 2.92 -5.65 -23.64
CA ARG B 386 2.11 -5.31 -24.82
C ARG B 386 1.84 -3.80 -24.82
N LEU B 387 1.72 -3.23 -23.63
CA LEU B 387 1.39 -1.84 -23.46
C LEU B 387 2.60 -0.93 -23.51
N ARG B 388 3.62 -1.17 -22.69
CA ARG B 388 4.81 -0.31 -22.71
C ARG B 388 5.47 -0.31 -24.11
N GLU B 389 5.41 -1.48 -24.74
CA GLU B 389 6.00 -1.71 -26.03
C GLU B 389 5.03 -1.28 -27.12
N SER B 390 4.27 -0.24 -26.84
CA SER B 390 3.29 0.27 -27.77
C SER B 390 3.47 1.79 -27.99
N PRO B 391 3.20 2.26 -29.21
CA PRO B 391 3.35 3.67 -29.60
C PRO B 391 2.38 4.59 -28.85
N SER B 392 1.09 4.34 -29.06
CA SER B 392 0.01 5.07 -28.42
C SER B 392 0.31 5.32 -26.95
N CYS B 393 1.11 4.41 -26.39
CA CYS B 393 1.41 4.40 -24.97
C CYS B 393 2.70 5.12 -24.61
N LYS B 394 3.70 5.04 -25.49
CA LYS B 394 5.03 5.64 -25.26
C LYS B 394 5.04 7.01 -24.58
N LYS B 395 3.88 7.67 -24.53
CA LYS B 395 3.70 8.96 -23.83
C LYS B 395 3.96 8.91 -22.33
N PHE B 396 4.90 8.06 -21.91
CA PHE B 396 5.09 7.71 -20.51
C PHE B 396 6.38 6.90 -20.31
N LYS B 397 6.85 6.86 -19.07
CA LYS B 397 7.88 5.92 -18.63
C LYS B 397 7.54 5.48 -17.21
N HIS B 398 6.42 4.77 -17.10
CA HIS B 398 5.88 4.36 -15.81
C HIS B 398 5.65 2.85 -15.74
N LEU B 399 5.69 2.19 -16.90
CA LEU B 399 5.79 0.73 -16.97
C LEU B 399 7.26 0.34 -16.93
N PHE B 400 8.11 1.35 -16.85
CA PHE B 400 9.54 1.19 -16.66
C PHE B 400 9.82 1.02 -15.17
N GLN B 401 8.80 1.30 -14.35
CA GLN B 401 8.88 1.22 -12.89
C GLN B 401 9.05 -0.22 -12.36
N GLN B 402 10.29 -0.69 -12.36
CA GLN B 402 10.67 -1.96 -11.75
C GLN B 402 9.59 -3.05 -11.91
N LEU B 403 9.34 -3.45 -13.15
CA LEU B 403 8.56 -4.64 -13.40
C LEU B 403 9.53 -5.81 -13.35
N PRO B 404 9.39 -6.68 -12.34
CA PRO B 404 10.27 -7.83 -12.25
C PRO B 404 10.21 -8.63 -13.55
N GLU B 405 11.23 -8.45 -14.41
CA GLU B 405 11.23 -9.02 -15.75
C GLU B 405 10.98 -10.53 -15.72
N MET B 406 9.70 -10.87 -15.90
CA MET B 406 9.19 -12.23 -15.74
C MET B 406 9.22 -12.97 -17.08
N ALA B 407 10.33 -12.82 -17.80
CA ALA B 407 10.54 -13.46 -19.09
C ALA B 407 10.54 -14.98 -18.95
N VAL B 408 9.42 -15.56 -19.33
CA VAL B 408 9.26 -17.00 -19.37
C VAL B 408 10.18 -17.58 -20.47
N GLN B 409 11.09 -18.45 -20.05
CA GLN B 409 11.96 -19.18 -20.96
C GLN B 409 11.12 -19.91 -22.00
N ASP B 410 11.65 -20.03 -23.22
CA ASP B 410 10.84 -20.60 -24.29
C ASP B 410 11.01 -22.11 -24.50
N VAL B 411 10.06 -22.70 -25.21
CA VAL B 411 9.78 -24.13 -25.13
C VAL B 411 9.65 -24.78 -26.49
N LYS B 412 10.24 -25.96 -26.65
CA LYS B 412 10.23 -26.63 -27.96
C LYS B 412 8.81 -26.95 -28.35
N HIS B 413 8.37 -26.37 -29.45
CA HIS B 413 7.08 -26.71 -30.05
C HIS B 413 7.29 -27.69 -31.18
N VAL B 414 6.33 -28.59 -31.33
CA VAL B 414 6.41 -29.66 -32.30
C VAL B 414 5.02 -29.82 -32.90
N THR B 415 4.95 -30.17 -34.18
CA THR B 415 3.65 -30.39 -34.82
C THR B 415 3.61 -31.71 -35.53
N ILE B 416 2.51 -32.43 -35.37
CA ILE B 416 2.26 -33.63 -36.14
C ILE B 416 0.91 -33.47 -36.82
N THR B 417 0.48 -34.48 -37.57
CA THR B 417 -0.80 -34.45 -38.28
C THR B 417 -1.54 -35.75 -38.08
N GLY B 418 -2.86 -35.68 -38.13
CA GLY B 418 -3.69 -36.86 -38.01
C GLY B 418 -4.98 -36.65 -38.77
N ARG B 419 -5.60 -37.75 -39.21
CA ARG B 419 -6.83 -37.68 -40.00
C ARG B 419 -8.08 -37.47 -39.15
N LEU B 420 -8.70 -36.31 -39.37
CA LEU B 420 -9.94 -35.90 -38.68
C LEU B 420 -11.11 -36.71 -39.21
N CYS B 421 -12.13 -36.90 -38.39
CA CYS B 421 -13.27 -37.75 -38.75
C CYS B 421 -14.61 -37.05 -38.52
N VAL B 430 -12.39 -35.91 -32.43
CA VAL B 430 -12.08 -37.32 -32.65
C VAL B 430 -11.38 -37.49 -34.00
N PHE B 431 -10.22 -38.16 -33.97
CA PHE B 431 -9.42 -38.43 -35.17
C PHE B 431 -9.39 -39.96 -35.46
N VAL B 432 -8.60 -40.35 -36.47
CA VAL B 432 -8.38 -41.76 -36.79
C VAL B 432 -6.89 -42.02 -37.11
N MET B 433 -6.41 -43.21 -36.73
CA MET B 433 -5.01 -43.60 -36.94
C MET B 433 -4.83 -45.00 -37.54
N VAL B 444 -9.31 -46.84 -35.60
CA VAL B 444 -9.92 -46.57 -34.30
C VAL B 444 -10.30 -45.09 -34.17
N LEU B 445 -11.47 -44.83 -33.57
CA LEU B 445 -11.84 -43.47 -33.15
C LEU B 445 -11.06 -43.12 -31.88
N CYS B 446 -10.37 -41.97 -31.91
CA CYS B 446 -9.43 -41.60 -30.85
C CYS B 446 -9.30 -40.09 -30.62
N SER B 447 -8.89 -39.72 -29.41
CA SER B 447 -8.66 -38.33 -29.05
C SER B 447 -7.39 -37.77 -29.65
N VAL B 448 -7.26 -36.45 -29.54
CA VAL B 448 -6.06 -35.72 -29.94
C VAL B 448 -4.86 -36.17 -29.11
N GLU B 449 -5.14 -36.61 -27.88
CA GLU B 449 -4.10 -36.97 -26.94
C GLU B 449 -3.48 -38.30 -27.27
N GLU B 450 -4.31 -39.30 -27.54
CA GLU B 450 -3.83 -40.64 -27.93
C GLU B 450 -3.02 -40.62 -29.21
N LEU B 451 -3.42 -39.74 -30.12
CA LEU B 451 -2.71 -39.56 -31.36
C LEU B 451 -1.28 -39.15 -31.07
N ALA B 452 -1.11 -38.18 -30.19
CA ALA B 452 0.22 -37.73 -29.75
C ALA B 452 0.97 -38.87 -29.05
N LEU B 453 0.27 -39.63 -28.22
CA LEU B 453 0.89 -40.77 -27.57
C LEU B 453 1.53 -41.73 -28.59
N ALA B 454 0.86 -41.91 -29.73
CA ALA B 454 1.41 -42.69 -30.85
C ALA B 454 2.73 -42.12 -31.39
N HIS B 455 2.74 -40.83 -31.69
CA HIS B 455 3.96 -40.14 -32.16
C HIS B 455 5.11 -40.24 -31.16
N TYR B 456 4.79 -40.29 -29.87
CA TYR B 456 5.85 -40.39 -28.89
C TYR B 456 6.29 -41.82 -28.72
N ARG B 457 5.36 -42.77 -28.92
CA ARG B 457 5.71 -44.20 -28.96
C ARG B 457 6.69 -44.52 -30.09
N ARG B 458 6.48 -43.89 -31.24
CA ARG B 458 7.38 -44.08 -32.35
C ARG B 458 8.58 -43.12 -32.26
N SER B 459 8.62 -42.33 -31.19
CA SER B 459 9.82 -41.55 -30.90
C SER B 459 10.68 -42.19 -29.80
N GLY B 460 10.40 -43.45 -29.48
CA GLY B 460 11.24 -44.20 -28.57
C GLY B 460 10.93 -43.84 -27.15
N PHE B 461 9.64 -43.72 -26.88
CA PHE B 461 9.12 -43.64 -25.54
C PHE B 461 8.02 -44.69 -25.48
N ASP B 462 8.37 -45.91 -25.10
CA ASP B 462 7.41 -47.00 -25.07
C ASP B 462 6.28 -46.78 -24.06
N GLN B 463 6.48 -45.87 -23.11
CA GLN B 463 5.51 -45.60 -22.03
C GLN B 463 4.85 -44.23 -22.16
N GLY B 464 3.63 -44.13 -21.66
CA GLY B 464 2.93 -42.85 -21.60
C GLY B 464 1.67 -42.92 -20.77
N ILE B 465 1.37 -41.81 -20.09
CA ILE B 465 0.12 -41.63 -19.33
C ILE B 465 -0.53 -40.34 -19.77
N HIS B 466 -1.84 -40.40 -20.00
CA HIS B 466 -2.62 -39.19 -20.23
C HIS B 466 -3.30 -38.80 -18.94
N GLY B 467 -2.69 -37.91 -18.16
CA GLY B 467 -3.19 -37.68 -16.81
C GLY B 467 -3.42 -36.23 -16.41
N GLU B 468 -2.98 -35.32 -17.28
CA GLU B 468 -2.97 -33.89 -16.97
C GLU B 468 -2.50 -33.73 -15.53
N GLY B 469 -3.31 -33.07 -14.72
CA GLY B 469 -2.98 -32.81 -13.32
C GLY B 469 -2.95 -34.02 -12.41
N SER B 470 -3.79 -35.03 -12.68
CA SER B 470 -3.92 -36.18 -11.73
C SER B 470 -2.75 -37.15 -11.72
N THR B 471 -1.97 -37.22 -12.80
CA THR B 471 -0.71 -37.94 -12.75
C THR B 471 0.11 -37.36 -11.58
N PHE B 472 0.45 -36.07 -11.68
CA PHE B 472 1.32 -35.44 -10.68
C PHE B 472 0.67 -35.29 -9.32
N SER B 473 -0.60 -34.92 -9.34
CA SER B 473 -1.39 -34.78 -8.13
C SER B 473 -1.44 -36.07 -7.28
N THR B 474 -1.78 -37.20 -7.93
CA THR B 474 -1.81 -38.48 -7.22
C THR B 474 -0.40 -38.86 -6.73
N LEU B 475 0.63 -38.59 -7.53
CA LEU B 475 1.99 -38.79 -7.01
C LEU B 475 2.30 -37.96 -5.75
N TYR B 476 1.96 -36.66 -5.79
CA TYR B 476 2.02 -35.77 -4.62
C TYR B 476 1.25 -36.38 -3.46
N GLY B 477 0.02 -36.82 -3.72
CA GLY B 477 -0.76 -37.55 -2.73
C GLY B 477 -0.02 -38.72 -2.12
N LEU B 478 0.47 -39.62 -2.97
CA LEU B 478 1.16 -40.83 -2.49
C LEU B 478 2.39 -40.58 -1.60
N LEU B 479 3.22 -39.58 -1.96
CA LEU B 479 4.45 -39.28 -1.21
C LEU B 479 4.23 -38.41 0.03
N LEU B 480 3.07 -37.76 0.15
CA LEU B 480 2.85 -36.87 1.29
C LEU B 480 1.59 -37.17 2.11
N TRP B 481 0.94 -38.30 1.79
CA TRP B 481 -0.32 -38.71 2.42
C TRP B 481 -0.40 -38.43 3.90
N ASP B 482 0.60 -38.89 4.64
CA ASP B 482 0.60 -38.82 6.11
C ASP B 482 0.80 -37.42 6.66
N ILE B 483 1.37 -36.54 5.83
CA ILE B 483 1.50 -35.16 6.20
C ILE B 483 0.19 -34.48 5.81
N ILE B 484 -0.45 -34.94 4.76
CA ILE B 484 -1.68 -34.29 4.33
C ILE B 484 -2.74 -34.53 5.40
N PHE B 485 -2.83 -35.78 5.86
CA PHE B 485 -3.83 -36.19 6.84
C PHE B 485 -3.25 -36.23 8.24
N MET B 486 -2.28 -35.35 8.48
CA MET B 486 -1.64 -35.20 9.75
C MET B 486 -2.55 -34.60 10.86
N ASP B 487 -2.32 -35.00 12.10
CA ASP B 487 -2.96 -34.39 13.27
C ASP B 487 -2.33 -33.07 13.70
N GLY B 488 -3.07 -32.34 14.53
CA GLY B 488 -2.53 -31.21 15.25
C GLY B 488 -2.88 -29.88 14.68
N ILE B 489 -3.58 -29.85 13.55
CA ILE B 489 -4.02 -28.56 13.02
C ILE B 489 -5.50 -28.31 13.39
N PRO B 490 -5.76 -27.33 14.30
CA PRO B 490 -7.16 -27.15 14.73
C PRO B 490 -8.12 -26.88 13.57
N ASP B 491 -9.32 -27.43 13.66
CA ASP B 491 -10.43 -27.12 12.74
C ASP B 491 -10.41 -27.74 11.35
N VAL B 492 -9.29 -28.34 10.93
CA VAL B 492 -9.19 -28.85 9.54
C VAL B 492 -9.91 -30.16 9.29
N PHE B 493 -10.14 -30.94 10.33
CA PHE B 493 -10.96 -32.12 10.18
C PHE B 493 -12.16 -31.96 11.09
N ARG B 494 -13.31 -31.67 10.49
CA ARG B 494 -14.54 -31.38 11.23
C ARG B 494 -15.51 -32.55 11.31
N ASN B 495 -15.41 -33.47 10.36
CA ASN B 495 -16.17 -34.71 10.48
C ASN B 495 -15.59 -35.86 9.69
N ALA B 496 -16.31 -36.98 9.76
CA ALA B 496 -15.79 -38.28 9.37
C ALA B 496 -15.62 -38.49 7.86
N CYS B 497 -16.21 -37.63 7.02
CA CYS B 497 -16.27 -37.90 5.58
C CYS B 497 -15.47 -36.95 4.72
N GLN B 498 -14.28 -36.60 5.20
CA GLN B 498 -13.44 -35.66 4.47
C GLN B 498 -12.42 -36.41 3.64
N ALA B 499 -12.15 -35.93 2.43
CA ALA B 499 -11.16 -36.55 1.57
C ALA B 499 -9.96 -35.64 1.46
N PHE B 500 -9.99 -34.58 2.27
CA PHE B 500 -8.87 -33.67 2.41
C PHE B 500 -9.09 -32.78 3.62
N PRO B 501 -7.99 -32.24 4.20
CA PRO B 501 -8.08 -31.21 5.26
C PRO B 501 -8.66 -29.93 4.69
N LEU B 502 -9.53 -29.30 5.45
CA LEU B 502 -10.24 -28.12 4.96
C LEU B 502 -9.34 -26.97 4.53
N ASP B 503 -8.10 -26.93 5.05
CA ASP B 503 -7.23 -25.84 4.69
C ASP B 503 -6.35 -26.12 3.45
N LEU B 504 -6.45 -27.33 2.92
CA LEU B 504 -5.64 -27.76 1.76
C LEU B 504 -5.48 -26.69 0.67
N CYS B 505 -6.55 -25.98 0.33
CA CYS B 505 -6.49 -24.95 -0.73
C CYS B 505 -6.33 -23.53 -0.24
N THR B 506 -5.64 -23.35 0.89
CA THR B 506 -5.36 -22.03 1.41
C THR B 506 -3.85 -21.92 1.53
N ASP B 507 -3.36 -20.71 1.75
CA ASP B 507 -1.97 -20.53 2.09
C ASP B 507 -1.66 -21.14 3.44
N SER B 508 -2.67 -21.30 4.30
CA SER B 508 -2.36 -21.76 5.62
C SER B 508 -2.04 -23.25 5.64
N PHE B 509 -2.40 -23.99 4.59
CA PHE B 509 -2.06 -25.41 4.51
C PHE B 509 -0.57 -25.62 4.65
N PHE B 510 0.22 -24.92 3.84
CA PHE B 510 1.70 -25.07 3.89
C PHE B 510 2.26 -24.52 5.18
N THR B 511 1.92 -23.28 5.52
CA THR B 511 2.49 -22.62 6.69
C THR B 511 2.16 -23.32 8.00
N SER B 512 0.94 -23.84 8.13
CA SER B 512 0.59 -24.71 9.26
C SER B 512 1.42 -25.97 9.36
N ARG B 513 1.85 -26.52 8.22
CA ARG B 513 2.67 -27.75 8.22
C ARG B 513 4.10 -27.55 7.69
N ARG B 514 4.65 -26.34 7.89
CA ARG B 514 5.89 -25.93 7.23
C ARG B 514 7.15 -26.80 7.51
N PRO B 515 7.55 -26.94 8.79
CA PRO B 515 8.72 -27.75 9.04
C PRO B 515 8.56 -29.20 8.49
N ALA B 516 7.38 -29.79 8.64
CA ALA B 516 7.09 -31.15 8.20
C ALA B 516 7.29 -31.33 6.72
N LEU B 517 6.70 -30.42 5.96
CA LEU B 517 6.79 -30.44 4.51
C LEU B 517 8.23 -30.17 4.10
N GLU B 518 8.78 -29.06 4.56
CA GLU B 518 10.16 -28.70 4.24
C GLU B 518 11.05 -29.95 4.39
N ALA B 519 10.89 -30.66 5.50
CA ALA B 519 11.62 -31.89 5.73
C ALA B 519 11.40 -32.94 4.63
N ARG B 520 10.14 -33.29 4.40
CA ARG B 520 9.76 -34.35 3.45
C ARG B 520 10.15 -34.03 2.01
N LEU B 521 10.13 -32.74 1.67
CA LEU B 521 10.53 -32.30 0.35
C LEU B 521 12.02 -32.51 0.20
N GLN B 522 12.78 -32.08 1.21
CA GLN B 522 14.23 -32.19 1.17
C GLN B 522 14.60 -33.63 0.99
N LEU B 523 13.86 -34.50 1.68
CA LEU B 523 14.16 -35.91 1.69
C LEU B 523 13.85 -36.49 0.34
N ILE B 524 12.76 -36.04 -0.27
CA ILE B 524 12.35 -36.56 -1.57
C ILE B 524 13.34 -36.14 -2.66
N HIS B 525 13.80 -34.89 -2.60
CA HIS B 525 14.82 -34.35 -3.51
C HIS B 525 16.10 -35.19 -3.52
N ASP B 526 16.49 -35.70 -2.35
CA ASP B 526 17.71 -36.46 -2.16
C ASP B 526 17.53 -37.96 -2.29
N ALA B 527 16.29 -38.40 -2.42
CA ALA B 527 15.96 -39.81 -2.38
C ALA B 527 16.52 -40.55 -3.60
N PRO B 528 17.27 -41.64 -3.39
CA PRO B 528 17.65 -42.50 -4.51
C PRO B 528 16.45 -43.28 -4.97
N GLU B 529 16.45 -43.67 -6.24
CA GLU B 529 15.27 -44.22 -6.89
C GLU B 529 14.74 -45.56 -6.37
N GLU B 530 15.11 -45.97 -5.16
CA GLU B 530 14.54 -47.19 -4.58
C GLU B 530 13.72 -46.77 -3.38
N SER B 531 14.21 -45.77 -2.67
CA SER B 531 13.46 -45.10 -1.63
C SER B 531 12.17 -44.58 -2.23
N LEU B 532 12.27 -43.91 -3.38
CA LEU B 532 11.09 -43.40 -4.05
C LEU B 532 10.11 -44.54 -4.32
N ARG B 533 10.60 -45.64 -4.89
CA ARG B 533 9.77 -46.84 -5.09
C ARG B 533 9.20 -47.40 -3.79
N ALA B 534 10.02 -47.46 -2.75
CA ALA B 534 9.57 -47.96 -1.45
C ALA B 534 8.39 -47.16 -0.94
N TRP B 535 8.67 -45.91 -0.58
CA TRP B 535 7.68 -44.89 -0.20
C TRP B 535 6.32 -44.98 -0.93
N VAL B 536 6.36 -44.91 -2.27
CA VAL B 536 5.15 -45.04 -3.08
C VAL B 536 4.39 -46.33 -2.76
N ALA B 537 5.11 -47.46 -2.66
CA ALA B 537 4.50 -48.74 -2.30
C ALA B 537 3.95 -48.73 -0.87
N ALA B 538 4.64 -48.02 0.03
CA ALA B 538 4.23 -47.92 1.44
C ALA B 538 2.85 -47.28 1.57
N THR B 539 2.62 -46.21 0.82
CA THR B 539 1.36 -45.54 0.88
C THR B 539 0.34 -46.35 0.12
N TRP B 540 0.73 -46.84 -1.05
CA TRP B 540 -0.16 -47.63 -1.91
C TRP B 540 -0.76 -48.86 -1.22
N HIS B 541 0.06 -49.57 -0.45
CA HIS B 541 -0.39 -50.81 0.16
C HIS B 541 -1.31 -50.58 1.34
N GLU B 542 -1.07 -49.52 2.12
CA GLU B 542 -1.96 -49.15 3.24
C GLU B 542 -3.20 -48.37 2.88
N GLN B 543 -3.15 -47.59 1.82
CA GLN B 543 -4.25 -46.68 1.54
C GLN B 543 -5.07 -47.03 0.30
N GLU B 544 -4.69 -48.08 -0.42
CA GLU B 544 -5.34 -48.34 -1.71
C GLU B 544 -6.83 -48.32 -1.52
N GLY B 545 -7.53 -47.54 -2.34
CA GLY B 545 -8.98 -47.43 -2.24
C GLY B 545 -9.52 -46.22 -1.48
N ARG B 546 -8.90 -45.87 -0.34
CA ARG B 546 -9.27 -44.69 0.48
C ARG B 546 -9.48 -43.40 -0.33
N VAL B 547 -10.66 -42.80 -0.16
CA VAL B 547 -11.08 -41.65 -0.97
C VAL B 547 -10.33 -40.42 -0.54
N ALA B 548 -9.53 -39.87 -1.45
CA ALA B 548 -8.67 -38.75 -1.12
C ALA B 548 -8.52 -37.85 -2.33
N SER B 549 -9.01 -36.62 -2.19
CA SER B 549 -9.16 -35.70 -3.32
C SER B 549 -7.95 -35.65 -4.25
N LEU B 550 -6.76 -35.88 -3.72
CA LEU B 550 -5.55 -35.76 -4.54
C LEU B 550 -5.26 -36.99 -5.39
N VAL B 551 -5.70 -38.16 -4.92
CA VAL B 551 -5.29 -39.46 -5.47
C VAL B 551 -6.34 -40.14 -6.34
N SER B 552 -5.99 -40.49 -7.59
CA SER B 552 -6.83 -41.37 -8.41
C SER B 552 -6.23 -42.77 -8.44
N TRP B 553 -6.90 -43.72 -7.80
CA TRP B 553 -6.31 -45.04 -7.63
C TRP B 553 -6.17 -45.79 -8.94
N ASP B 554 -6.87 -45.32 -9.97
CA ASP B 554 -6.86 -45.95 -11.27
C ASP B 554 -6.19 -45.08 -12.33
N ARG B 555 -5.45 -44.06 -11.87
CA ARG B 555 -4.66 -43.20 -12.74
C ARG B 555 -3.51 -43.99 -13.31
N PHE B 556 -2.90 -44.79 -12.46
CA PHE B 556 -1.84 -45.70 -12.86
C PHE B 556 -2.42 -47.10 -12.98
N THR B 557 -1.97 -47.84 -13.99
CA THR B 557 -2.51 -49.17 -14.27
C THR B 557 -2.01 -50.23 -13.28
N SER B 558 -1.07 -49.86 -12.40
CA SER B 558 -0.71 -50.67 -11.25
C SER B 558 0.32 -49.95 -10.41
N LEU B 559 0.57 -50.46 -9.21
CA LEU B 559 1.61 -49.93 -8.34
C LEU B 559 2.96 -49.96 -9.06
N GLN B 560 3.11 -50.88 -10.01
CA GLN B 560 4.39 -51.05 -10.69
C GLN B 560 4.65 -49.83 -11.58
N GLN B 561 3.62 -49.43 -12.30
CA GLN B 561 3.73 -48.29 -13.20
C GLN B 561 4.06 -47.01 -12.44
N ALA B 562 3.41 -46.82 -11.29
CA ALA B 562 3.68 -45.71 -10.40
C ALA B 562 5.17 -45.64 -10.06
N GLN B 563 5.77 -46.80 -9.85
CA GLN B 563 7.15 -46.89 -9.41
C GLN B 563 8.16 -46.72 -10.54
N ASP B 564 7.76 -47.09 -11.76
CA ASP B 564 8.63 -46.89 -12.92
C ASP B 564 8.76 -45.42 -13.24
N LEU B 565 7.65 -44.72 -13.10
CA LEU B 565 7.57 -43.32 -13.40
C LEU B 565 8.37 -42.52 -12.41
N VAL B 566 8.27 -42.85 -11.12
CA VAL B 566 9.03 -42.09 -10.11
C VAL B 566 10.53 -42.33 -10.21
N SER B 567 10.90 -43.47 -10.80
CA SER B 567 12.28 -43.77 -11.15
C SER B 567 12.82 -42.88 -12.25
N CYS B 568 12.03 -42.65 -13.29
CA CYS B 568 12.43 -41.79 -14.41
C CYS B 568 12.55 -40.31 -14.08
N LEU B 569 11.57 -39.79 -13.35
CA LEU B 569 11.52 -38.37 -13.00
C LEU B 569 12.60 -38.04 -11.99
N GLY B 570 12.92 -39.00 -11.13
CA GLY B 570 13.86 -38.79 -10.04
C GLY B 570 13.37 -37.86 -8.93
N GLY B 571 14.15 -37.84 -7.86
CA GLY B 571 13.90 -37.01 -6.69
C GLY B 571 13.69 -35.53 -6.92
N PRO B 572 14.70 -34.82 -7.49
CA PRO B 572 14.60 -33.35 -7.61
C PRO B 572 13.34 -32.85 -8.31
N VAL B 573 12.99 -33.46 -9.44
CA VAL B 573 11.75 -33.16 -10.18
C VAL B 573 10.51 -33.41 -9.32
N LEU B 574 10.39 -34.61 -8.74
CA LEU B 574 9.25 -34.91 -7.88
C LEU B 574 9.15 -33.92 -6.73
N SER B 575 10.30 -33.57 -6.15
CA SER B 575 10.36 -32.61 -5.06
C SER B 575 9.89 -31.21 -5.44
N GLY B 576 10.31 -30.75 -6.62
CA GLY B 576 9.89 -29.45 -7.13
C GLY B 576 8.40 -29.36 -7.38
N VAL B 577 7.86 -30.38 -8.05
CA VAL B 577 6.43 -30.43 -8.38
C VAL B 577 5.59 -30.41 -7.10
N CYS B 578 5.97 -31.23 -6.13
CA CYS B 578 5.26 -31.28 -4.87
C CYS B 578 5.33 -29.96 -4.10
N ARG B 579 6.46 -29.24 -4.16
CA ARG B 579 6.59 -28.00 -3.41
C ARG B 579 5.50 -27.03 -3.85
N HIS B 580 5.32 -26.93 -5.17
CA HIS B 580 4.32 -26.06 -5.75
C HIS B 580 2.91 -26.47 -5.37
N LEU B 581 2.61 -27.76 -5.52
CA LEU B 581 1.28 -28.30 -5.25
C LEU B 581 0.96 -28.17 -3.79
N ALA B 582 1.96 -28.12 -2.94
CA ALA B 582 1.67 -28.00 -1.54
C ALA B 582 1.74 -26.56 -1.06
N ALA B 583 2.56 -25.73 -1.72
CA ALA B 583 2.63 -24.32 -1.32
C ALA B 583 1.35 -23.55 -1.66
N ASP B 584 0.71 -23.93 -2.77
CA ASP B 584 -0.30 -23.11 -3.40
C ASP B 584 -1.16 -23.92 -4.39
N PHE B 585 -1.74 -25.00 -3.89
CA PHE B 585 -2.58 -25.86 -4.71
C PHE B 585 -3.65 -25.11 -5.49
N ARG B 586 -4.36 -24.23 -4.79
CA ARG B 586 -5.39 -23.40 -5.38
C ARG B 586 -4.93 -22.74 -6.69
N HIS B 587 -3.72 -22.21 -6.75
CA HIS B 587 -3.25 -21.54 -7.97
C HIS B 587 -2.29 -22.36 -8.85
N CYS B 588 -1.99 -23.58 -8.41
CA CYS B 588 -1.08 -24.43 -9.16
C CYS B 588 -1.69 -25.72 -9.65
N ARG B 589 -2.87 -26.09 -9.16
CA ARG B 589 -3.49 -27.37 -9.52
C ARG B 589 -3.74 -27.45 -11.02
N GLY B 590 -3.93 -26.29 -11.64
CA GLY B 590 -4.20 -26.23 -13.06
C GLY B 590 -2.99 -25.87 -13.88
N GLY B 591 -2.96 -26.36 -15.11
CA GLY B 591 -1.93 -25.99 -16.09
C GLY B 591 -0.76 -26.91 -16.37
N LEU B 592 -0.71 -28.08 -15.71
CA LEU B 592 0.34 -29.09 -15.97
C LEU B 592 0.02 -29.79 -17.27
N PRO B 593 1.04 -30.28 -17.99
CA PRO B 593 0.81 -30.92 -19.30
C PRO B 593 -0.06 -32.19 -19.29
N ASP B 594 -0.77 -32.42 -20.40
CA ASP B 594 -1.64 -33.58 -20.56
C ASP B 594 -0.90 -34.89 -20.33
N LEU B 595 0.31 -34.97 -20.89
CA LEU B 595 1.02 -36.23 -21.07
C LEU B 595 2.34 -36.32 -20.31
N VAL B 596 2.59 -37.52 -19.75
CA VAL B 596 3.93 -38.00 -19.39
C VAL B 596 4.34 -39.16 -20.31
N VAL B 597 5.48 -39.05 -20.97
CA VAL B 597 6.05 -40.18 -21.70
C VAL B 597 7.46 -40.53 -21.24
N TRP B 598 7.72 -41.81 -21.09
CA TRP B 598 9.07 -42.27 -20.75
C TRP B 598 9.52 -43.56 -21.43
N ASN B 599 10.82 -43.77 -21.38
CA ASN B 599 11.42 -44.94 -21.94
C ASN B 599 11.89 -45.82 -20.81
N SER B 600 11.44 -47.06 -20.83
CA SER B 600 11.80 -48.04 -19.82
C SER B 600 13.32 -48.15 -19.65
N GLN B 601 14.04 -48.53 -20.71
CA GLN B 601 15.47 -48.83 -20.57
C GLN B 601 16.37 -47.62 -20.50
N SER B 602 16.07 -46.55 -21.24
CA SER B 602 16.91 -45.34 -21.13
C SER B 602 16.54 -44.39 -19.98
N ARG B 603 15.37 -44.57 -19.38
CA ARG B 603 14.92 -43.74 -18.28
C ARG B 603 14.42 -42.33 -18.71
N HIS B 604 14.76 -41.89 -19.93
CA HIS B 604 14.27 -40.61 -20.45
C HIS B 604 12.77 -40.44 -20.43
N PHE B 605 12.34 -39.32 -19.88
CA PHE B 605 10.96 -38.95 -19.92
C PHE B 605 10.85 -37.57 -20.52
N LYS B 606 9.66 -37.29 -21.02
CA LYS B 606 9.32 -35.99 -21.56
C LYS B 606 7.88 -35.64 -21.07
N LEU B 607 7.63 -34.33 -20.91
CA LEU B 607 6.32 -33.82 -20.46
C LEU B 607 5.68 -33.06 -21.59
N VAL B 608 4.52 -33.52 -22.04
CA VAL B 608 3.95 -33.00 -23.29
C VAL B 608 2.56 -32.39 -23.10
N GLU B 609 2.42 -31.12 -23.50
CA GLU B 609 1.14 -30.44 -23.48
C GLU B 609 0.55 -30.44 -24.89
N VAL B 610 -0.40 -31.35 -25.11
CA VAL B 610 -1.02 -31.55 -26.42
C VAL B 610 -1.87 -30.34 -26.81
N LYS B 611 -1.75 -29.87 -28.04
CA LYS B 611 -2.59 -28.76 -28.49
C LYS B 611 -3.39 -29.14 -29.72
N GLY B 612 -4.71 -29.21 -29.57
CA GLY B 612 -5.60 -29.46 -30.69
C GLY B 612 -5.56 -28.29 -31.67
N PRO B 613 -6.38 -28.36 -32.72
CA PRO B 613 -6.35 -27.25 -33.66
C PRO B 613 -6.94 -25.99 -33.03
N ASN B 614 -7.76 -26.18 -31.99
CA ASN B 614 -8.47 -25.07 -31.32
C ASN B 614 -8.07 -24.75 -29.86
N ASP B 615 -7.06 -25.39 -29.31
CA ASP B 615 -6.64 -25.04 -27.95
C ASP B 615 -5.19 -24.58 -27.95
N ARG B 616 -4.92 -23.46 -27.27
CA ARG B 616 -3.58 -22.86 -27.21
C ARG B 616 -3.11 -22.73 -25.78
N LEU B 617 -1.90 -22.22 -25.58
CA LEU B 617 -1.29 -22.17 -24.26
C LEU B 617 -1.98 -21.18 -23.34
N SER B 618 -2.55 -21.67 -22.25
CA SER B 618 -3.05 -20.81 -21.18
C SER B 618 -1.88 -20.21 -20.39
N HIS B 619 -2.12 -19.14 -19.64
CA HIS B 619 -1.06 -18.54 -18.81
C HIS B 619 -0.51 -19.53 -17.77
N LYS B 620 -1.41 -20.24 -17.10
CA LYS B 620 -1.04 -21.24 -16.09
C LYS B 620 -0.13 -22.28 -16.69
N GLN B 621 -0.49 -22.72 -17.90
CA GLN B 621 0.30 -23.70 -18.65
C GLN B 621 1.73 -23.20 -18.88
N MET B 622 1.87 -22.03 -19.49
CA MET B 622 3.21 -21.48 -19.66
C MET B 622 3.99 -21.28 -18.36
N ILE B 623 3.36 -20.89 -17.26
CA ILE B 623 4.11 -20.85 -15.99
C ILE B 623 4.59 -22.26 -15.64
N TRP B 624 3.73 -23.26 -15.82
CA TRP B 624 4.08 -24.63 -15.43
C TRP B 624 5.25 -25.18 -16.21
N LEU B 625 5.19 -25.05 -17.53
CA LEU B 625 6.25 -25.50 -18.44
C LEU B 625 7.58 -24.85 -18.13
N ALA B 626 7.55 -23.60 -17.66
CA ALA B 626 8.77 -22.87 -17.31
C ALA B 626 9.38 -23.45 -16.05
N GLU B 627 8.48 -23.82 -15.16
CA GLU B 627 8.84 -24.23 -13.83
C GLU B 627 9.38 -25.66 -13.86
N LEU B 628 8.83 -26.45 -14.78
CA LEU B 628 9.28 -27.81 -15.04
C LEU B 628 10.65 -27.79 -15.74
N GLN B 629 10.79 -26.89 -16.71
CA GLN B 629 12.06 -26.63 -17.35
C GLN B 629 13.09 -26.29 -16.28
N LYS B 630 12.75 -25.39 -15.35
CA LYS B 630 13.66 -24.97 -14.27
C LYS B 630 14.11 -26.13 -13.44
N LEU B 631 13.24 -27.11 -13.27
CA LEU B 631 13.59 -28.30 -12.53
C LEU B 631 14.34 -29.32 -13.40
N GLY B 632 14.65 -28.90 -14.62
CA GLY B 632 15.38 -29.72 -15.59
C GLY B 632 14.55 -30.88 -16.05
N ALA B 633 13.62 -30.64 -16.95
CA ALA B 633 12.75 -31.71 -17.42
C ALA B 633 12.37 -31.40 -18.82
N GLU B 634 12.46 -32.39 -19.70
CA GLU B 634 12.07 -32.26 -21.11
C GLU B 634 10.62 -31.83 -21.22
N VAL B 635 10.37 -30.60 -21.66
CA VAL B 635 8.98 -30.19 -21.88
C VAL B 635 8.75 -29.86 -23.35
N GLU B 636 7.59 -30.21 -23.85
CA GLU B 636 7.33 -30.06 -25.26
C GLU B 636 5.85 -29.83 -25.51
N VAL B 637 5.54 -28.88 -26.38
CA VAL B 637 4.16 -28.63 -26.80
C VAL B 637 3.89 -29.25 -28.18
N CYS B 638 3.00 -30.23 -28.22
CA CYS B 638 2.75 -30.98 -29.43
C CYS B 638 1.43 -30.60 -30.10
N HIS B 639 1.52 -29.75 -31.12
CA HIS B 639 0.37 -29.32 -31.91
C HIS B 639 -0.11 -30.41 -32.85
N VAL B 640 -1.40 -30.73 -32.82
CA VAL B 640 -1.92 -31.73 -33.74
C VAL B 640 -2.78 -31.11 -34.83
N VAL B 641 -2.26 -31.10 -36.06
CA VAL B 641 -2.96 -30.54 -37.21
C VAL B 641 -3.91 -31.56 -37.82
N ALA B 642 -5.09 -31.07 -38.22
CA ALA B 642 -6.12 -31.88 -38.88
C ALA B 642 -5.83 -32.06 -40.37
N VAL B 643 -6.21 -33.22 -40.90
CA VAL B 643 -6.04 -33.55 -42.32
C VAL B 643 -7.31 -34.21 -42.86
#